data_3ODH
#
_entry.id   3ODH
#
_cell.length_a   80.982
_cell.length_b   83.075
_cell.length_c   119.670
_cell.angle_alpha   90.00
_cell.angle_beta   90.00
_cell.angle_gamma   90.00
#
_symmetry.space_group_name_H-M   'P 21 21 21'
#
loop_
_entity.id
_entity.type
_entity.pdbx_description
1 polymer 'OkrAI endonuclease'
2 polymer "DNA (5'-D(*TP*AP*TP*GP*GP*AP*TP*CP*CP*AP*TP*A)-3')"
3 non-polymer 'CALCIUM ION'
4 water water
#
loop_
_entity_poly.entity_id
_entity_poly.type
_entity_poly.pdbx_seq_one_letter_code
_entity_poly.pdbx_strand_id
1 'polypeptide(L)'
;MKIKRIEVLINNGSVPGIPMILNEIQDAIKTVSWPEGNNSFVINPVRKGNGVKPIKNSCMRHLHQKGWALEHPVRIKAEM
RPGPLDAVKMIGGKAFALEWETGNISSSHRAINKMVMGMLERVIIGGVLILPSRDMYNYLTDRVGNFRELEPYFSVWRQF
NLKDAYLAIVEIEHDSVDAQVSLIPKGTDGRAIR
;
A,B,E,F
2 'polydeoxyribonucleotide' (DT)(DA)(DT)(DG)(DG)(DA)(DT)(DC)(DC)(DA)(DT)(DA) C,D,G,H
#
# COMPACT_ATOMS: atom_id res chain seq x y z
N MET A 1 -31.74 42.55 -0.45
CA MET A 1 -30.28 42.83 -0.37
C MET A 1 -29.80 43.59 -1.59
N LYS A 2 -28.72 44.37 -1.43
CA LYS A 2 -28.13 45.10 -2.57
C LYS A 2 -26.87 44.44 -3.14
N ILE A 3 -26.52 44.79 -4.39
CA ILE A 3 -25.28 44.34 -5.02
C ILE A 3 -24.23 45.42 -4.76
N LYS A 4 -23.16 45.07 -4.07
CA LYS A 4 -22.17 46.05 -3.71
C LYS A 4 -21.20 46.25 -4.87
N ARG A 5 -20.86 45.15 -5.53
CA ARG A 5 -19.76 45.09 -6.48
C ARG A 5 -19.85 43.83 -7.34
N ILE A 6 -19.57 44.00 -8.63
CA ILE A 6 -19.40 42.89 -9.52
C ILE A 6 -17.94 42.92 -10.00
N GLU A 7 -17.24 41.81 -9.76
CA GLU A 7 -15.87 41.68 -10.19
C GLU A 7 -15.73 40.52 -11.20
N VAL A 8 -15.58 40.85 -12.48
CA VAL A 8 -15.29 39.88 -13.53
C VAL A 8 -13.84 39.34 -13.40
N LEU A 9 -13.71 38.03 -13.44
CA LEU A 9 -12.44 37.32 -13.34
C LEU A 9 -11.95 36.79 -14.68
N ILE A 10 -12.87 36.34 -15.51
CA ILE A 10 -12.52 35.75 -16.82
C ILE A 10 -13.53 36.31 -17.80
N ASN A 11 -13.01 36.72 -18.95
CA ASN A 11 -13.82 37.25 -20.02
C ASN A 11 -13.15 36.95 -21.36
N ASN A 12 -13.43 35.78 -21.94
CA ASN A 12 -12.84 35.43 -23.22
C ASN A 12 -13.89 35.10 -24.27
N GLY A 13 -13.59 35.46 -25.51
CA GLY A 13 -14.38 35.06 -26.66
C GLY A 13 -15.78 35.60 -26.52
N SER A 14 -16.77 34.80 -26.93
CA SER A 14 -18.14 35.26 -26.84
C SER A 14 -19.11 34.37 -26.05
N VAL A 15 -19.78 35.01 -25.11
CA VAL A 15 -20.73 34.36 -24.23
C VAL A 15 -21.92 35.27 -24.37
N PRO A 16 -22.98 34.82 -25.06
CA PRO A 16 -24.00 35.87 -25.19
C PRO A 16 -24.85 36.05 -23.90
N GLY A 17 -25.57 37.18 -23.79
CA GLY A 17 -26.56 37.35 -22.74
C GLY A 17 -26.17 37.81 -21.33
N ILE A 18 -24.90 38.13 -21.09
CA ILE A 18 -24.40 38.51 -19.77
C ILE A 18 -25.14 39.65 -19.05
N PRO A 19 -25.42 40.77 -19.76
CA PRO A 19 -26.10 41.89 -19.12
C PRO A 19 -27.52 41.53 -18.66
N MET A 20 -28.26 40.78 -19.48
CA MET A 20 -29.56 40.21 -19.12
C MET A 20 -29.50 39.25 -17.88
N ILE A 21 -28.60 38.27 -17.93
CA ILE A 21 -28.35 37.37 -16.80
C ILE A 21 -28.01 38.16 -15.54
N LEU A 22 -27.01 39.02 -15.62
CA LEU A 22 -26.67 39.88 -14.50
C LEU A 22 -27.81 40.74 -13.93
N ASN A 23 -28.76 41.14 -14.78
CA ASN A 23 -29.95 41.85 -14.29
C ASN A 23 -30.92 40.96 -13.52
N GLU A 24 -31.24 39.79 -14.09
CA GLU A 24 -32.08 38.76 -13.45
C GLU A 24 -31.50 38.36 -12.06
N ILE A 25 -30.19 38.15 -12.02
CA ILE A 25 -29.46 37.88 -10.78
C ILE A 25 -29.54 39.05 -9.79
N GLN A 26 -29.47 40.28 -10.27
CA GLN A 26 -29.64 41.40 -9.37
C GLN A 26 -31.06 41.43 -8.83
N ASP A 27 -32.05 41.24 -9.71
CA ASP A 27 -33.43 41.25 -9.27
C ASP A 27 -33.68 40.19 -8.19
N ALA A 28 -33.05 39.02 -8.32
CA ALA A 28 -33.17 37.90 -7.39
C ALA A 28 -32.63 38.29 -6.04
N ILE A 29 -31.43 38.86 -6.05
CA ILE A 29 -30.77 39.32 -4.84
C ILE A 29 -31.62 40.42 -4.14
N LYS A 30 -32.19 41.32 -4.94
CA LYS A 30 -33.02 42.39 -4.37
C LYS A 30 -34.18 41.83 -3.56
N THR A 31 -34.74 40.70 -3.99
CA THR A 31 -35.86 40.08 -3.23
C THR A 31 -35.51 39.65 -1.78
N VAL A 32 -34.23 39.46 -1.48
CA VAL A 32 -33.82 38.90 -0.19
C VAL A 32 -34.00 39.95 0.94
N SER A 33 -34.78 39.58 1.95
CA SER A 33 -35.25 40.52 2.95
C SER A 33 -35.10 39.93 4.31
N TRP A 34 -35.04 40.82 5.28
CA TRP A 34 -35.11 40.47 6.67
C TRP A 34 -35.70 41.72 7.37
N PRO A 35 -36.64 41.50 8.31
CA PRO A 35 -37.29 40.25 8.66
C PRO A 35 -38.00 39.68 7.46
N GLU A 36 -38.18 38.37 7.41
CA GLU A 36 -39.01 37.79 6.34
C GLU A 36 -40.34 38.56 6.21
N GLY A 37 -40.64 38.98 4.99
CA GLY A 37 -41.85 39.74 4.74
C GLY A 37 -41.59 41.24 4.62
N ASN A 38 -40.42 41.69 5.07
CA ASN A 38 -39.97 43.04 4.86
C ASN A 38 -39.71 43.47 3.38
N ASN A 39 -39.61 44.78 3.11
CA ASN A 39 -39.29 45.25 1.73
C ASN A 39 -37.82 45.66 1.54
N SER A 40 -37.00 45.44 2.58
CA SER A 40 -35.54 45.48 2.51
C SER A 40 -34.89 44.44 3.45
N PHE A 41 -33.55 44.35 3.41
CA PHE A 41 -32.82 43.46 4.29
C PHE A 41 -32.18 44.28 5.39
N VAL A 42 -32.81 44.28 6.56
CA VAL A 42 -32.29 44.98 7.72
C VAL A 42 -31.64 43.93 8.64
N ILE A 43 -30.41 44.14 9.07
CA ILE A 43 -29.73 43.12 9.87
C ILE A 43 -29.43 43.67 11.28
N ASN A 44 -29.38 42.79 12.28
CA ASN A 44 -28.92 43.18 13.65
C ASN A 44 -27.40 43.13 13.65
N PRO A 45 -26.72 44.26 13.91
CA PRO A 45 -25.25 44.27 13.79
C PRO A 45 -24.54 43.62 14.98
N VAL A 46 -25.00 42.46 15.41
CA VAL A 46 -24.26 41.70 16.42
C VAL A 46 -23.19 40.84 15.76
N ARG A 47 -21.95 41.03 16.19
CA ARG A 47 -20.85 40.28 15.63
C ARG A 47 -21.05 38.76 15.75
N LYS A 48 -20.97 38.08 14.62
CA LYS A 48 -21.23 36.61 14.53
C LYS A 48 -22.61 36.26 15.05
N GLY A 49 -23.53 37.21 15.04
CA GLY A 49 -24.76 37.01 15.80
C GLY A 49 -25.81 36.30 15.01
N ASN A 50 -25.68 36.33 13.69
CA ASN A 50 -26.69 35.89 12.76
C ASN A 50 -26.31 34.62 11.97
N GLY A 51 -27.21 33.65 12.02
CA GLY A 51 -27.19 32.47 11.15
C GLY A 51 -27.38 32.86 9.71
N VAL A 52 -27.19 31.91 8.79
CA VAL A 52 -27.24 32.23 7.36
C VAL A 52 -28.30 31.44 6.57
N LYS A 53 -28.83 30.38 7.15
CA LYS A 53 -29.58 29.44 6.35
C LYS A 53 -30.71 30.06 5.51
N PRO A 54 -31.54 30.95 6.10
CA PRO A 54 -32.68 31.45 5.32
C PRO A 54 -32.32 32.51 4.24
N ILE A 55 -31.11 33.01 4.26
CA ILE A 55 -30.81 34.16 3.44
C ILE A 55 -30.95 33.86 1.93
N LYS A 56 -30.56 32.66 1.50
CA LYS A 56 -30.63 32.32 0.09
C LYS A 56 -32.06 32.21 -0.43
N ASN A 57 -33.04 32.05 0.48
CA ASN A 57 -34.38 31.50 0.10
C ASN A 57 -35.03 32.22 -1.09
N SER A 58 -35.24 33.52 -0.95
CA SER A 58 -35.92 34.30 -1.97
C SER A 58 -35.17 34.41 -3.30
N CYS A 59 -33.84 34.44 -3.22
CA CYS A 59 -32.97 34.55 -4.38
C CYS A 59 -33.18 33.32 -5.24
N MET A 60 -33.05 32.13 -4.65
CA MET A 60 -33.14 30.89 -5.41
C MET A 60 -34.55 30.74 -5.91
N ARG A 61 -35.50 31.27 -5.16
CA ARG A 61 -36.89 31.21 -5.57
C ARG A 61 -37.16 32.08 -6.80
N HIS A 62 -36.60 33.28 -6.79
CA HIS A 62 -36.80 34.20 -7.92
C HIS A 62 -36.18 33.62 -9.17
N LEU A 63 -35.01 32.99 -9.04
CA LEU A 63 -34.32 32.39 -10.17
C LEU A 63 -35.16 31.25 -10.75
N HIS A 64 -35.69 30.36 -9.91
CA HIS A 64 -36.53 29.27 -10.47
C HIS A 64 -37.76 29.82 -11.22
N GLN A 65 -38.33 30.91 -10.72
CA GLN A 65 -39.54 31.50 -11.34
C GLN A 65 -39.22 32.01 -12.73
N LYS A 66 -37.97 32.45 -12.89
CA LYS A 66 -37.46 33.02 -14.14
C LYS A 66 -36.73 31.99 -15.00
N GLY A 67 -36.99 30.70 -14.74
CA GLY A 67 -36.54 29.64 -15.62
C GLY A 67 -35.20 29.02 -15.25
N TRP A 68 -34.64 29.38 -14.11
CA TRP A 68 -33.40 28.72 -13.68
C TRP A 68 -33.71 27.31 -13.15
N ALA A 69 -32.83 26.38 -13.49
CA ALA A 69 -32.95 25.03 -12.97
C ALA A 69 -32.13 24.93 -11.69
N LEU A 70 -32.70 24.37 -10.62
CA LEU A 70 -32.01 24.35 -9.35
C LEU A 70 -31.34 23.00 -9.17
N GLU A 71 -30.14 23.01 -8.57
CA GLU A 71 -29.35 21.78 -8.32
C GLU A 71 -29.20 21.02 -9.63
N HIS A 72 -28.66 21.70 -10.63
CA HIS A 72 -28.45 21.16 -11.94
C HIS A 72 -27.11 20.43 -11.99
N PRO A 73 -27.09 19.20 -12.52
CA PRO A 73 -25.88 18.38 -12.45
C PRO A 73 -24.84 18.96 -13.39
N VAL A 74 -23.56 18.71 -13.10
CA VAL A 74 -22.48 19.11 -14.00
C VAL A 74 -22.22 17.91 -14.94
N ARG A 75 -22.67 18.02 -16.17
CA ARG A 75 -22.66 16.86 -17.02
C ARG A 75 -21.31 16.71 -17.70
N ILE A 76 -20.30 16.40 -16.89
CA ILE A 76 -19.00 16.06 -17.43
C ILE A 76 -19.04 14.58 -17.80
N LYS A 77 -18.21 14.20 -18.76
CA LYS A 77 -18.28 12.86 -19.36
C LYS A 77 -17.87 11.74 -18.38
N ALA A 78 -16.77 11.94 -17.67
CA ALA A 78 -16.27 10.99 -16.63
C ALA A 78 -17.33 10.53 -15.61
N GLU A 79 -17.12 9.38 -14.99
CA GLU A 79 -18.06 8.87 -14.03
C GLU A 79 -17.85 9.55 -12.68
N MET A 80 -16.62 10.03 -12.47
CA MET A 80 -16.21 10.79 -11.29
C MET A 80 -16.46 12.28 -11.52
N ARG A 81 -17.55 12.75 -10.94
CA ARG A 81 -18.08 14.06 -11.23
C ARG A 81 -18.29 14.91 -9.98
N PRO A 82 -18.10 16.24 -10.09
CA PRO A 82 -18.56 17.11 -9.01
C PRO A 82 -20.08 16.98 -8.90
N GLY A 83 -20.62 17.38 -7.74
CA GLY A 83 -22.08 17.43 -7.54
C GLY A 83 -22.66 18.69 -8.18
N PRO A 84 -23.94 18.95 -7.91
CA PRO A 84 -24.72 19.90 -8.68
C PRO A 84 -24.39 21.37 -8.40
N LEU A 85 -24.80 22.18 -9.38
CA LEU A 85 -24.67 23.63 -9.33
C LEU A 85 -25.93 24.21 -8.71
N ASP A 86 -25.81 25.32 -8.01
CA ASP A 86 -26.99 25.86 -7.34
C ASP A 86 -28.14 26.13 -8.32
N ALA A 87 -27.79 26.69 -9.47
CA ALA A 87 -28.74 27.06 -10.51
C ALA A 87 -28.07 27.18 -11.89
N VAL A 88 -28.79 26.75 -12.91
CA VAL A 88 -28.35 26.84 -14.28
C VAL A 88 -29.50 27.36 -15.20
N LYS A 89 -29.17 28.37 -16.03
CA LYS A 89 -30.04 28.85 -17.13
C LYS A 89 -29.43 28.42 -18.46
N MET A 90 -30.28 27.99 -19.39
CA MET A 90 -29.91 27.85 -20.79
C MET A 90 -30.11 29.24 -21.43
N ILE A 91 -29.14 29.75 -22.18
CA ILE A 91 -29.31 31.05 -22.82
C ILE A 91 -29.47 30.89 -24.31
N GLY A 92 -28.51 30.21 -24.94
CA GLY A 92 -28.57 29.98 -26.39
C GLY A 92 -27.99 28.63 -26.69
N GLY A 93 -28.75 27.57 -26.38
CA GLY A 93 -28.24 26.19 -26.33
C GLY A 93 -26.94 26.15 -25.55
N LYS A 94 -26.82 27.06 -24.57
CA LYS A 94 -25.63 27.18 -23.73
C LYS A 94 -26.04 27.28 -22.25
N ALA A 95 -25.42 26.46 -21.39
CA ALA A 95 -25.62 26.48 -19.91
C ALA A 95 -24.82 27.55 -19.13
N PHE A 96 -25.53 28.36 -18.36
CA PHE A 96 -24.90 29.40 -17.54
C PHE A 96 -25.15 29.10 -16.05
N ALA A 97 -24.07 29.05 -15.27
CA ALA A 97 -24.15 28.62 -13.87
C ALA A 97 -24.19 29.78 -12.84
N LEU A 98 -24.94 29.59 -11.76
CA LEU A 98 -24.96 30.51 -10.60
C LEU A 98 -24.66 29.74 -9.33
N GLU A 99 -23.66 30.17 -8.55
CA GLU A 99 -23.35 29.54 -7.31
C GLU A 99 -23.57 30.57 -6.20
N TRP A 100 -24.46 30.25 -5.26
CA TRP A 100 -24.70 31.09 -4.07
C TRP A 100 -23.83 30.57 -2.94
N GLU A 101 -23.08 31.44 -2.27
CA GLU A 101 -22.24 31.00 -1.15
C GLU A 101 -22.48 31.72 0.16
N THR A 102 -23.20 31.06 1.07
CA THR A 102 -23.11 31.44 2.49
C THR A 102 -22.46 30.31 3.32
N GLY A 103 -21.84 29.34 2.61
CA GLY A 103 -21.13 28.23 3.26
C GLY A 103 -19.86 28.74 3.92
N ASN A 104 -19.06 27.86 4.50
CA ASN A 104 -17.74 28.26 4.98
C ASN A 104 -17.04 28.94 3.82
N ILE A 105 -16.16 29.89 4.10
CA ILE A 105 -15.33 30.52 3.06
C ILE A 105 -14.66 29.46 2.15
N SER A 106 -14.21 28.34 2.73
CA SER A 106 -13.55 27.31 1.89
C SER A 106 -14.46 26.69 0.82
N SER A 107 -15.74 26.66 1.11
CA SER A 107 -16.74 26.15 0.19
C SER A 107 -16.75 26.94 -1.14
N SER A 108 -16.44 28.26 -1.10
CA SER A 108 -16.33 29.06 -2.30
C SER A 108 -15.23 28.59 -3.23
N HIS A 109 -14.17 28.01 -2.69
CA HIS A 109 -13.11 27.47 -3.57
C HIS A 109 -13.59 26.23 -4.34
N ARG A 110 -14.44 25.44 -3.71
CA ARG A 110 -14.97 24.29 -4.41
C ARG A 110 -15.92 24.79 -5.52
N ALA A 111 -16.73 25.82 -5.22
CA ALA A 111 -17.76 26.39 -6.14
C ALA A 111 -17.10 26.92 -7.37
N ILE A 112 -16.03 27.69 -7.18
CA ILE A 112 -15.25 28.16 -8.31
C ILE A 112 -14.74 26.98 -9.12
N ASN A 113 -14.10 26.00 -8.47
CA ASN A 113 -13.47 24.88 -9.19
C ASN A 113 -14.49 24.05 -9.94
N LYS A 114 -15.71 24.07 -9.43
CA LYS A 114 -16.80 23.31 -10.01
C LYS A 114 -17.21 23.98 -11.31
N MET A 115 -17.37 25.30 -11.28
CA MET A 115 -17.72 26.07 -12.48
C MET A 115 -16.58 26.07 -13.53
N VAL A 116 -15.34 26.10 -13.07
CA VAL A 116 -14.18 25.94 -13.99
C VAL A 116 -14.14 24.57 -14.64
N MET A 117 -14.39 23.53 -13.88
CA MET A 117 -14.50 22.17 -14.39
C MET A 117 -15.56 22.13 -15.50
N GLY A 118 -16.74 22.69 -15.28
CA GLY A 118 -17.78 22.76 -16.31
C GLY A 118 -17.35 23.50 -17.57
N MET A 119 -16.54 24.53 -17.38
CA MET A 119 -16.08 25.35 -18.49
C MET A 119 -14.96 24.65 -19.27
N LEU A 120 -14.00 24.04 -18.57
CA LEU A 120 -13.00 23.18 -19.19
C LEU A 120 -13.61 22.12 -20.10
N GLU A 121 -14.63 21.44 -19.59
CA GLU A 121 -15.27 20.35 -20.29
C GLU A 121 -16.28 20.86 -21.30
N ARG A 122 -16.32 22.18 -21.50
CA ARG A 122 -17.24 22.90 -22.44
C ARG A 122 -18.71 22.64 -22.20
N VAL A 123 -19.08 22.25 -20.99
CA VAL A 123 -20.48 21.99 -20.67
C VAL A 123 -21.17 23.17 -19.97
N ILE A 124 -20.36 24.19 -19.67
CA ILE A 124 -20.82 25.42 -19.01
C ILE A 124 -20.13 26.57 -19.72
N ILE A 125 -20.88 27.62 -20.04
CA ILE A 125 -20.34 28.68 -20.83
C ILE A 125 -19.81 29.78 -19.95
N GLY A 126 -20.36 29.86 -18.75
CA GLY A 126 -19.88 30.78 -17.71
C GLY A 126 -20.61 30.61 -16.40
N GLY A 127 -20.19 31.37 -15.42
CA GLY A 127 -20.83 31.35 -14.11
C GLY A 127 -20.62 32.61 -13.29
N VAL A 128 -21.42 32.72 -12.24
CA VAL A 128 -21.26 33.78 -11.27
C VAL A 128 -21.33 33.17 -9.92
N LEU A 129 -20.50 33.70 -9.02
CA LEU A 129 -20.50 33.34 -7.60
C LEU A 129 -20.97 34.57 -6.83
N ILE A 130 -22.04 34.41 -6.05
CA ILE A 130 -22.57 35.42 -5.16
C ILE A 130 -22.14 35.10 -3.74
N LEU A 131 -21.62 36.08 -3.02
CA LEU A 131 -21.28 35.84 -1.64
C LEU A 131 -21.25 37.20 -0.95
N PRO A 132 -21.36 37.24 0.39
CA PRO A 132 -21.47 38.48 1.15
C PRO A 132 -20.22 39.40 1.16
N SER A 133 -20.41 40.69 1.45
CA SER A 133 -19.28 41.54 1.73
C SER A 133 -18.62 41.16 3.07
N ARG A 134 -17.36 41.55 3.27
CA ARG A 134 -16.74 41.48 4.61
C ARG A 134 -17.61 42.20 5.68
N ASP A 135 -18.18 43.36 5.33
CA ASP A 135 -18.98 44.12 6.27
C ASP A 135 -20.16 43.34 6.80
N MET A 136 -20.87 42.63 5.93
CA MET A 136 -22.00 41.80 6.36
C MET A 136 -21.49 40.57 7.12
N TYR A 137 -20.42 39.95 6.59
CA TYR A 137 -19.78 38.77 7.17
C TYR A 137 -19.54 38.91 8.68
N ASN A 138 -19.14 40.12 9.11
CA ASN A 138 -18.86 40.39 10.53
C ASN A 138 -20.07 40.02 11.40
N TYR A 139 -21.29 40.11 10.84
CA TYR A 139 -22.53 39.80 11.61
C TYR A 139 -23.08 38.38 11.42
N LEU A 140 -22.40 37.57 10.59
CA LEU A 140 -22.87 36.21 10.29
C LEU A 140 -22.13 35.15 11.05
N THR A 141 -22.64 33.92 10.98
CA THR A 141 -21.89 32.83 11.57
C THR A 141 -20.43 32.85 11.14
N ASP A 142 -19.53 32.62 12.08
CA ASP A 142 -18.09 32.74 11.81
C ASP A 142 -17.63 31.96 10.60
N ARG A 143 -16.74 32.59 9.83
CA ARG A 143 -16.01 31.97 8.73
C ARG A 143 -16.85 31.61 7.50
N VAL A 144 -18.02 32.24 7.33
CA VAL A 144 -18.77 32.07 6.09
C VAL A 144 -18.15 32.86 4.94
N GLY A 145 -18.66 32.63 3.74
CA GLY A 145 -18.14 33.29 2.54
C GLY A 145 -18.11 34.79 2.71
N ASN A 146 -17.02 35.41 2.21
CA ASN A 146 -16.90 36.84 2.13
C ASN A 146 -15.89 37.24 1.02
N PHE A 147 -16.25 38.25 0.24
CA PHE A 147 -15.56 38.58 -0.97
C PHE A 147 -14.10 38.86 -0.64
N ARG A 148 -13.85 39.64 0.39
CA ARG A 148 -12.50 40.07 0.74
C ARG A 148 -11.52 38.95 0.91
N GLU A 149 -11.96 37.91 1.58
CA GLU A 149 -11.03 36.78 1.79
C GLU A 149 -10.77 35.98 0.50
N LEU A 150 -11.60 36.20 -0.54
CA LEU A 150 -11.35 35.56 -1.85
C LEU A 150 -10.37 36.30 -2.76
N GLU A 151 -10.18 37.59 -2.51
CA GLU A 151 -9.48 38.49 -3.43
C GLU A 151 -8.08 38.08 -3.80
N PRO A 152 -7.30 37.57 -2.80
CA PRO A 152 -5.92 37.18 -3.08
C PRO A 152 -5.84 36.08 -4.09
N TYR A 153 -6.96 35.41 -4.31
CA TYR A 153 -7.03 34.25 -5.17
C TYR A 153 -7.48 34.62 -6.55
N PHE A 154 -7.88 35.86 -6.79
CA PHE A 154 -8.40 36.22 -8.13
C PHE A 154 -7.30 36.06 -9.20
N SER A 155 -6.08 36.41 -8.84
CA SER A 155 -4.97 36.22 -9.76
C SER A 155 -4.84 34.76 -10.20
N VAL A 156 -5.05 33.79 -9.31
CA VAL A 156 -4.92 32.40 -9.76
C VAL A 156 -6.01 31.99 -10.74
N TRP A 157 -7.22 32.46 -10.50
CA TRP A 157 -8.36 32.10 -11.31
C TRP A 157 -8.30 32.74 -12.74
N ARG A 158 -7.60 33.87 -12.82
CA ARG A 158 -7.46 34.62 -14.05
C ARG A 158 -6.56 33.95 -15.07
N GLN A 159 -5.90 32.87 -14.69
CA GLN A 159 -4.90 32.23 -15.54
C GLN A 159 -5.47 31.10 -16.40
N PHE A 160 -6.72 30.72 -16.17
CA PHE A 160 -7.27 29.60 -16.90
C PHE A 160 -7.47 30.05 -18.35
N ASN A 161 -6.86 29.32 -19.27
CA ASN A 161 -7.06 29.56 -20.70
C ASN A 161 -8.28 28.80 -21.17
N LEU A 162 -9.37 29.54 -21.33
CA LEU A 162 -10.63 28.99 -21.75
C LEU A 162 -11.07 29.92 -22.89
N LYS A 163 -11.35 29.36 -24.06
CA LYS A 163 -11.97 30.14 -25.15
C LYS A 163 -13.45 30.24 -24.76
N ASP A 164 -14.15 31.29 -25.17
CA ASP A 164 -15.59 31.39 -24.82
C ASP A 164 -15.90 31.11 -23.32
N ALA A 165 -15.62 32.08 -22.46
CA ALA A 165 -15.77 31.87 -20.99
C ALA A 165 -16.01 33.19 -20.24
N TYR A 166 -16.82 33.10 -19.18
CA TYR A 166 -17.18 34.23 -18.35
C TYR A 166 -17.38 33.76 -16.92
N LEU A 167 -16.70 34.42 -15.99
CA LEU A 167 -16.80 34.06 -14.59
C LEU A 167 -16.69 35.37 -13.82
N ALA A 168 -17.56 35.54 -12.83
CA ALA A 168 -17.65 36.79 -12.13
C ALA A 168 -18.14 36.55 -10.72
N ILE A 169 -17.81 37.49 -9.84
CA ILE A 169 -18.13 37.37 -8.43
C ILE A 169 -18.99 38.55 -8.09
N VAL A 170 -20.15 38.29 -7.51
CA VAL A 170 -21.09 39.32 -7.08
C VAL A 170 -21.13 39.40 -5.55
N GLU A 171 -20.62 40.52 -5.02
CA GLU A 171 -20.57 40.80 -3.64
C GLU A 171 -21.87 41.43 -3.22
N ILE A 172 -22.52 40.83 -2.24
CA ILE A 172 -23.80 41.28 -1.75
C ILE A 172 -23.76 41.72 -0.28
N GLU A 173 -24.72 42.57 0.12
CA GLU A 173 -24.76 43.20 1.42
C GLU A 173 -26.20 43.52 1.88
N HIS A 174 -26.39 43.58 3.19
CA HIS A 174 -27.65 43.97 3.80
C HIS A 174 -27.95 45.40 3.38
N ASP A 175 -29.17 45.88 3.60
CA ASP A 175 -29.52 47.25 3.20
C ASP A 175 -29.21 48.25 4.30
N SER A 176 -29.49 47.88 5.54
CA SER A 176 -29.11 48.65 6.71
C SER A 176 -29.00 47.79 7.98
N VAL A 177 -28.51 48.40 9.04
CA VAL A 177 -28.44 47.78 10.36
C VAL A 177 -29.46 48.44 11.32
N ASP A 178 -30.01 47.65 12.24
CA ASP A 178 -30.95 48.11 13.25
C ASP A 178 -30.64 47.22 14.43
N ALA A 179 -30.26 47.84 15.54
CA ALA A 179 -29.93 47.12 16.77
C ALA A 179 -31.16 46.47 17.42
N GLN A 180 -32.35 46.68 16.82
CA GLN A 180 -33.58 46.04 17.32
C GLN A 180 -34.30 45.07 16.42
N VAL A 181 -33.78 44.75 15.24
CA VAL A 181 -34.43 43.64 14.51
C VAL A 181 -34.05 42.30 15.10
N SER A 182 -34.88 41.31 14.79
CA SER A 182 -34.65 39.94 15.17
C SER A 182 -33.29 39.49 14.62
N LEU A 183 -32.64 38.59 15.35
CA LEU A 183 -31.51 37.86 14.82
C LEU A 183 -31.98 36.73 13.93
N ILE A 184 -31.19 36.44 12.91
CA ILE A 184 -31.46 35.32 12.03
C ILE A 184 -31.07 34.05 12.82
N PRO A 185 -32.01 33.09 12.91
CA PRO A 185 -31.71 31.94 13.80
C PRO A 185 -30.58 31.08 13.28
N LYS A 186 -29.86 30.45 14.18
CA LYS A 186 -28.78 29.54 13.82
C LYS A 186 -29.20 28.10 13.99
N GLY A 187 -28.69 27.20 13.12
CA GLY A 187 -28.88 25.75 13.29
C GLY A 187 -27.94 25.20 14.34
N THR A 188 -27.87 23.89 14.47
CA THR A 188 -26.97 23.25 15.42
C THR A 188 -25.77 22.55 14.77
N ASP A 189 -25.43 22.94 13.54
CA ASP A 189 -24.28 22.38 12.81
C ASP A 189 -22.98 22.48 13.57
N GLY A 190 -22.08 21.53 13.28
CA GLY A 190 -20.66 21.60 13.68
C GLY A 190 -20.46 21.72 15.18
N ARG A 191 -19.73 22.78 15.58
CA ARG A 191 -19.41 23.00 16.98
C ARG A 191 -20.42 23.91 17.74
N ALA A 192 -21.64 24.04 17.26
CA ALA A 192 -22.65 24.83 17.97
C ALA A 192 -22.99 24.29 19.36
N ILE A 193 -23.26 22.98 19.46
CA ILE A 193 -23.72 22.40 20.77
C ILE A 193 -22.55 22.25 21.74
N ARG A 194 -21.39 21.81 21.23
CA ARG A 194 -20.22 21.38 22.03
C ARG A 194 -18.93 21.57 21.22
N MET B 1 1.78 4.03 8.19
CA MET B 1 0.63 4.39 7.32
C MET B 1 0.95 3.88 5.90
N LYS B 2 -0.04 3.31 5.21
CA LYS B 2 0.08 2.92 3.80
C LYS B 2 -0.14 4.09 2.86
N ILE B 3 0.68 4.15 1.83
CA ILE B 3 0.43 4.98 0.66
C ILE B 3 -0.20 4.15 -0.48
N LYS B 4 -1.47 4.37 -0.81
CA LYS B 4 -2.11 3.66 -1.92
C LYS B 4 -1.69 4.21 -3.30
N ARG B 5 -1.52 5.51 -3.38
CA ARG B 5 -1.15 6.14 -4.63
C ARG B 5 -0.68 7.57 -4.51
N ILE B 6 -0.14 8.09 -5.60
CA ILE B 6 0.27 9.46 -5.64
C ILE B 6 -0.11 9.99 -7.01
N GLU B 7 -0.85 11.09 -7.02
CA GLU B 7 -1.30 11.68 -8.25
C GLU B 7 -0.50 12.95 -8.44
N VAL B 8 0.30 12.96 -9.49
CA VAL B 8 1.18 14.09 -9.74
C VAL B 8 0.43 15.02 -10.67
N LEU B 9 0.05 16.20 -10.16
CA LEU B 9 -0.75 17.16 -10.92
C LEU B 9 0.08 18.10 -11.80
N ILE B 10 1.26 18.46 -11.30
CA ILE B 10 2.14 19.34 -12.01
C ILE B 10 3.51 18.89 -11.71
N ASN B 11 4.35 18.87 -12.74
CA ASN B 11 5.72 18.49 -12.59
C ASN B 11 6.49 19.09 -13.76
N ASN B 12 6.74 20.38 -13.67
CA ASN B 12 7.48 21.10 -14.69
C ASN B 12 8.91 21.43 -14.29
N GLY B 13 9.80 21.50 -15.29
CA GLY B 13 11.18 21.92 -15.10
C GLY B 13 11.91 21.00 -14.14
N SER B 14 12.93 21.51 -13.47
CA SER B 14 13.65 20.68 -12.50
C SER B 14 13.61 21.36 -11.13
N VAL B 15 13.16 20.64 -10.11
CA VAL B 15 13.07 21.22 -8.77
C VAL B 15 14.36 21.03 -7.99
N PRO B 16 14.82 19.77 -7.79
CA PRO B 16 15.94 19.31 -6.96
C PRO B 16 16.47 20.21 -5.84
N GLY B 17 16.46 19.69 -4.61
CA GLY B 17 16.24 18.26 -4.38
C GLY B 17 14.79 17.82 -4.43
N ILE B 18 14.45 16.94 -5.36
CA ILE B 18 13.07 16.50 -5.54
C ILE B 18 12.84 15.09 -4.99
N PRO B 19 13.54 14.07 -5.58
CA PRO B 19 13.35 12.66 -5.17
C PRO B 19 13.80 12.48 -3.75
N MET B 20 14.81 13.27 -3.37
CA MET B 20 15.34 13.31 -2.02
C MET B 20 14.27 13.79 -1.04
N ILE B 21 13.45 14.75 -1.47
CA ILE B 21 12.38 15.21 -0.61
C ILE B 21 11.13 14.35 -0.74
N LEU B 22 10.90 13.78 -1.91
CA LEU B 22 9.83 12.83 -2.04
C LEU B 22 10.16 11.51 -1.31
N ASN B 23 11.43 11.11 -1.29
CA ASN B 23 11.81 10.00 -0.41
C ASN B 23 11.65 10.32 1.10
N GLU B 24 12.01 11.53 1.49
CA GLU B 24 11.77 11.97 2.86
C GLU B 24 10.29 11.93 3.21
N ILE B 25 9.44 12.51 2.35
CA ILE B 25 7.99 12.60 2.62
C ILE B 25 7.43 11.24 2.84
N GLN B 26 7.78 10.29 1.95
CA GLN B 26 7.30 8.90 2.05
C GLN B 26 7.77 8.12 3.27
N ASP B 27 9.07 8.21 3.57
CA ASP B 27 9.60 7.69 4.83
C ASP B 27 8.89 8.27 6.03
N ALA B 28 8.77 9.59 6.09
CA ALA B 28 7.93 10.28 7.08
C ALA B 28 6.47 9.75 7.17
N ILE B 29 5.76 9.59 6.05
CA ILE B 29 4.37 9.05 6.11
C ILE B 29 4.36 7.65 6.69
N LYS B 30 5.35 6.85 6.28
CA LYS B 30 5.50 5.49 6.74
C LYS B 30 5.66 5.34 8.29
N THR B 31 6.26 6.32 8.97
CA THR B 31 6.39 6.23 10.42
C THR B 31 5.04 6.38 11.17
N VAL B 32 4.02 6.96 10.53
CA VAL B 32 2.78 7.26 11.23
C VAL B 32 2.09 5.94 11.56
N SER B 33 1.70 5.78 12.83
CA SER B 33 1.16 4.53 13.38
C SER B 33 0.02 4.79 14.35
N TRP B 34 -0.75 3.74 14.64
CA TRP B 34 -1.75 3.77 15.69
C TRP B 34 -1.99 2.36 16.29
N PRO B 35 -2.06 2.22 17.64
CA PRO B 35 -1.84 3.27 18.65
C PRO B 35 -0.37 3.77 18.71
N GLU B 36 -0.12 4.86 19.45
CA GLU B 36 1.24 5.36 19.69
C GLU B 36 2.20 4.24 20.16
N GLY B 37 3.34 4.13 19.48
CA GLY B 37 4.30 3.07 19.76
C GLY B 37 4.13 1.81 18.93
N ASN B 38 3.04 1.66 18.19
CA ASN B 38 2.86 0.52 17.30
C ASN B 38 3.72 0.66 16.03
N ASN B 39 3.90 -0.47 15.34
CA ASN B 39 4.75 -0.53 14.11
C ASN B 39 3.98 -0.45 12.77
N SER B 40 2.66 -0.15 12.86
CA SER B 40 1.75 0.01 11.73
C SER B 40 0.57 0.92 12.16
N PHE B 41 -0.25 1.37 11.18
CA PHE B 41 -1.44 2.20 11.52
C PHE B 41 -2.67 1.32 11.65
N VAL B 42 -3.02 0.98 12.88
CA VAL B 42 -4.21 0.16 13.12
C VAL B 42 -5.32 1.07 13.61
N ILE B 43 -6.45 1.07 12.91
CA ILE B 43 -7.57 1.96 13.22
C ILE B 43 -8.77 1.16 13.73
N ASN B 44 -9.50 1.76 14.67
CA ASN B 44 -10.77 1.24 15.12
C ASN B 44 -11.86 1.54 14.10
N PRO B 45 -12.53 0.48 13.55
CA PRO B 45 -13.37 0.72 12.37
C PRO B 45 -14.78 1.19 12.72
N VAL B 46 -14.84 2.35 13.36
CA VAL B 46 -16.13 2.96 13.70
C VAL B 46 -16.41 4.05 12.65
N ARG B 47 -17.56 3.98 11.97
CA ARG B 47 -17.99 5.05 11.04
C ARG B 47 -17.94 6.41 11.73
N LYS B 48 -17.18 7.35 11.15
CA LYS B 48 -17.08 8.71 11.69
C LYS B 48 -16.58 8.82 13.12
N GLY B 49 -15.88 7.81 13.63
CA GLY B 49 -15.58 7.78 15.08
C GLY B 49 -14.18 8.19 15.50
N ASN B 50 -13.30 8.46 14.52
CA ASN B 50 -11.93 8.82 14.83
C ASN B 50 -11.65 10.25 14.42
N GLY B 51 -11.16 11.06 15.36
CA GLY B 51 -10.70 12.40 15.04
C GLY B 51 -9.47 12.41 14.14
N VAL B 52 -9.21 13.55 13.51
CA VAL B 52 -8.18 13.61 12.49
C VAL B 52 -6.94 14.44 12.88
N LYS B 53 -7.05 15.23 13.94
CA LYS B 53 -5.99 16.19 14.26
C LYS B 53 -4.54 15.64 14.46
N PRO B 54 -4.37 14.62 15.35
CA PRO B 54 -3.01 14.22 15.73
C PRO B 54 -2.36 13.16 14.83
N ILE B 55 -3.14 12.64 13.89
CA ILE B 55 -2.66 11.59 13.01
C ILE B 55 -1.30 11.96 12.39
N LYS B 56 -1.06 13.22 12.07
CA LYS B 56 0.14 13.58 11.32
C LYS B 56 1.43 13.51 12.13
N ASN B 57 1.30 13.57 13.46
CA ASN B 57 2.42 13.96 14.33
C ASN B 57 3.77 13.29 14.08
N SER B 58 3.77 11.99 13.92
CA SER B 58 5.03 11.27 13.81
C SER B 58 5.74 11.62 12.48
N CYS B 59 4.93 11.80 11.43
CA CYS B 59 5.41 12.25 10.14
C CYS B 59 6.08 13.64 10.17
N MET B 60 5.40 14.61 10.77
CA MET B 60 5.94 15.95 10.97
C MET B 60 7.21 15.92 11.87
N ARG B 61 7.26 15.03 12.87
CA ARG B 61 8.48 14.92 13.67
C ARG B 61 9.67 14.45 12.85
N HIS B 62 9.47 13.37 12.09
CA HIS B 62 10.51 12.79 11.25
C HIS B 62 11.02 13.84 10.24
N LEU B 63 10.12 14.55 9.56
CA LEU B 63 10.53 15.65 8.69
C LEU B 63 11.40 16.70 9.39
N HIS B 64 11.01 17.14 10.59
CA HIS B 64 11.84 18.08 11.36
C HIS B 64 13.29 17.57 11.54
N GLN B 65 13.40 16.28 11.87
CA GLN B 65 14.68 15.60 12.02
C GLN B 65 15.52 15.77 10.77
N LYS B 66 14.84 15.80 9.63
CA LYS B 66 15.44 15.99 8.30
C LYS B 66 15.48 17.45 7.85
N GLY B 67 15.23 18.38 8.77
CA GLY B 67 15.52 19.79 8.49
C GLY B 67 14.39 20.57 7.83
N TRP B 68 13.18 20.04 7.97
CA TRP B 68 11.94 20.75 7.63
C TRP B 68 11.55 21.67 8.82
N ALA B 69 11.00 22.85 8.54
CA ALA B 69 10.39 23.68 9.60
C ALA B 69 8.88 23.35 9.77
N LEU B 70 8.38 23.23 10.99
CA LEU B 70 6.98 22.81 11.23
C LEU B 70 6.02 23.95 11.57
N GLU B 71 4.76 23.90 11.16
CA GLU B 71 3.78 24.96 11.52
C GLU B 71 4.39 26.32 11.20
N HIS B 72 4.90 26.39 9.98
CA HIS B 72 5.81 27.40 9.50
C HIS B 72 4.98 28.51 8.90
N PRO B 73 4.97 29.70 9.53
CA PRO B 73 4.16 30.80 9.01
C PRO B 73 4.60 31.21 7.61
N VAL B 74 3.62 31.45 6.76
CA VAL B 74 3.87 31.89 5.40
C VAL B 74 2.84 33.00 5.11
N ARG B 75 3.25 33.94 4.24
CA ARG B 75 2.38 35.03 3.74
C ARG B 75 2.66 35.22 2.26
N ILE B 76 1.84 34.64 1.39
CA ILE B 76 2.14 34.53 -0.05
C ILE B 76 2.09 35.89 -0.79
N LYS B 77 1.14 36.76 -0.40
CA LYS B 77 0.96 38.04 -1.13
C LYS B 77 1.43 39.38 -0.53
N ALA B 78 0.98 39.66 0.70
CA ALA B 78 1.15 40.97 1.41
C ALA B 78 -0.19 41.44 1.92
N GLU B 79 -1.18 41.39 1.04
CA GLU B 79 -2.54 41.72 1.40
C GLU B 79 -3.18 40.55 2.22
N MET B 80 -2.49 39.42 2.34
CA MET B 80 -2.92 38.37 3.27
C MET B 80 -2.19 38.47 4.60
N ARG B 81 -2.87 38.15 5.73
CA ARG B 81 -2.17 37.87 7.00
C ARG B 81 -1.56 36.46 6.96
N PRO B 82 -0.50 36.21 7.76
CA PRO B 82 0.17 34.94 7.55
C PRO B 82 -0.64 33.75 8.03
N GLY B 83 -0.46 32.60 7.38
CA GLY B 83 -0.95 31.36 7.90
C GLY B 83 0.14 30.30 7.88
N PRO B 84 -0.02 29.26 8.73
CA PRO B 84 0.88 28.12 8.83
C PRO B 84 0.72 27.01 7.78
N LEU B 85 1.86 26.47 7.32
CA LEU B 85 1.88 25.25 6.54
C LEU B 85 2.40 24.19 7.46
N ASP B 86 1.92 22.96 7.36
CA ASP B 86 2.38 21.89 8.29
C ASP B 86 3.88 21.72 8.37
N ALA B 87 4.55 21.57 7.23
CA ALA B 87 5.99 21.49 7.20
C ALA B 87 6.45 22.20 5.95
N VAL B 88 7.70 22.63 5.95
CA VAL B 88 8.28 23.33 4.81
C VAL B 88 9.79 23.01 4.79
N LYS B 89 10.31 22.74 3.60
CA LYS B 89 11.73 22.57 3.38
C LYS B 89 12.18 23.66 2.45
N MET B 90 13.06 24.52 2.95
CA MET B 90 13.51 25.64 2.16
C MET B 90 14.64 25.20 1.24
N ILE B 91 14.36 25.10 -0.07
CA ILE B 91 15.43 24.68 -0.98
C ILE B 91 16.00 25.83 -1.80
N GLY B 92 16.51 26.82 -1.05
CA GLY B 92 17.25 27.95 -1.58
C GLY B 92 16.48 29.23 -1.37
N GLY B 93 15.77 29.63 -2.44
CA GLY B 93 14.96 30.86 -2.44
C GLY B 93 13.50 30.62 -2.11
N LYS B 94 12.92 29.55 -2.68
CA LYS B 94 11.50 29.26 -2.56
C LYS B 94 11.13 28.03 -1.68
N ALA B 95 9.86 27.94 -1.29
CA ALA B 95 9.38 26.95 -0.31
C ALA B 95 8.83 25.64 -0.91
N PHE B 96 9.22 24.48 -0.37
CA PHE B 96 8.50 23.23 -0.67
C PHE B 96 7.60 22.87 0.47
N ALA B 97 6.30 22.87 0.19
CA ALA B 97 5.28 22.68 1.25
C ALA B 97 4.60 21.32 1.25
N LEU B 98 4.55 20.76 2.45
CA LEU B 98 3.73 19.61 2.74
C LEU B 98 2.53 19.97 3.61
N GLU B 99 1.36 19.41 3.24
CA GLU B 99 0.17 19.49 4.08
C GLU B 99 -0.46 18.13 4.36
N TRP B 100 -0.88 17.91 5.60
CA TRP B 100 -1.61 16.68 5.97
C TRP B 100 -3.03 17.04 6.43
N GLU B 101 -4.01 16.59 5.65
CA GLU B 101 -5.38 17.09 5.75
C GLU B 101 -5.99 16.95 7.10
N THR B 102 -6.46 18.04 7.68
CA THR B 102 -7.26 17.96 8.89
C THR B 102 -8.53 18.81 8.76
N GLY B 103 -8.84 19.30 7.55
CA GLY B 103 -10.03 20.14 7.40
C GLY B 103 -11.16 19.49 6.59
N ASN B 104 -12.24 20.23 6.38
CA ASN B 104 -13.34 19.79 5.53
C ASN B 104 -12.80 19.54 4.11
N ILE B 105 -13.43 18.63 3.36
CA ILE B 105 -13.15 18.54 1.89
C ILE B 105 -13.10 19.91 1.20
N SER B 106 -13.98 20.84 1.56
CA SER B 106 -13.98 22.14 0.87
C SER B 106 -12.68 22.91 1.09
N SER B 107 -12.06 22.63 2.23
CA SER B 107 -10.88 23.33 2.66
C SER B 107 -9.65 22.77 1.94
N SER B 108 -9.78 21.52 1.46
CA SER B 108 -8.76 20.95 0.54
C SER B 108 -8.66 21.73 -0.75
N HIS B 109 -9.79 22.21 -1.27
CA HIS B 109 -9.76 23.02 -2.52
C HIS B 109 -8.90 24.28 -2.30
N ARG B 110 -9.04 24.88 -1.12
CA ARG B 110 -8.36 26.14 -0.79
C ARG B 110 -6.87 25.88 -0.60
N ALA B 111 -6.52 24.73 -0.02
CA ALA B 111 -5.12 24.43 0.22
C ALA B 111 -4.33 24.30 -1.08
N ILE B 112 -4.93 23.69 -2.11
CA ILE B 112 -4.25 23.53 -3.35
C ILE B 112 -4.19 24.85 -4.08
N ASN B 113 -5.31 25.60 -4.04
CA ASN B 113 -5.35 26.99 -4.53
C ASN B 113 -4.22 27.81 -3.89
N LYS B 114 -4.01 27.69 -2.60
CA LYS B 114 -2.98 28.51 -1.93
C LYS B 114 -1.57 28.08 -2.33
N MET B 115 -1.38 26.77 -2.48
CA MET B 115 -0.14 26.21 -3.01
C MET B 115 0.17 26.74 -4.43
N VAL B 116 -0.78 26.62 -5.33
CA VAL B 116 -0.65 27.21 -6.68
C VAL B 116 -0.43 28.76 -6.68
N MET B 117 -1.06 29.48 -5.75
CA MET B 117 -0.79 30.90 -5.58
C MET B 117 0.66 31.06 -5.17
N GLY B 118 1.10 30.34 -4.15
CA GLY B 118 2.52 30.35 -3.77
C GLY B 118 3.46 30.12 -4.97
N MET B 119 3.20 29.07 -5.74
CA MET B 119 4.04 28.80 -6.92
C MET B 119 4.10 29.95 -7.94
N LEU B 120 2.92 30.43 -8.37
CA LEU B 120 2.76 31.59 -9.29
C LEU B 120 3.41 32.89 -8.81
N GLU B 121 3.34 33.17 -7.52
CA GLU B 121 4.00 34.33 -6.86
C GLU B 121 5.48 34.10 -6.52
N ARG B 122 6.02 32.98 -6.96
CA ARG B 122 7.43 32.66 -6.73
C ARG B 122 7.91 32.34 -5.34
N VAL B 123 6.98 32.01 -4.42
CA VAL B 123 7.42 31.72 -3.05
C VAL B 123 7.49 30.23 -2.73
N ILE B 124 6.84 29.41 -3.56
CA ILE B 124 6.69 27.96 -3.37
C ILE B 124 7.15 27.21 -4.65
N ILE B 125 8.02 26.19 -4.52
CA ILE B 125 8.47 25.45 -5.75
C ILE B 125 7.62 24.24 -5.92
N GLY B 126 7.20 23.68 -4.79
CA GLY B 126 6.42 22.46 -4.79
C GLY B 126 5.45 22.41 -3.65
N GLY B 127 4.40 21.61 -3.84
CA GLY B 127 3.39 21.35 -2.81
C GLY B 127 2.86 19.93 -2.83
N VAL B 128 2.74 19.34 -1.64
CA VAL B 128 2.18 18.03 -1.48
C VAL B 128 1.06 18.07 -0.44
N LEU B 129 -0.08 17.47 -0.78
CA LEU B 129 -1.25 17.35 0.09
C LEU B 129 -1.58 15.86 0.37
N ILE B 130 -1.70 15.49 1.65
CA ILE B 130 -1.98 14.09 2.02
C ILE B 130 -3.45 13.89 2.39
N LEU B 131 -4.15 13.04 1.62
CA LEU B 131 -5.57 12.79 1.81
C LEU B 131 -5.86 11.30 2.11
N PRO B 132 -6.77 11.01 3.07
CA PRO B 132 -7.34 9.67 3.29
C PRO B 132 -8.02 9.06 2.07
N SER B 133 -7.85 7.74 1.89
CA SER B 133 -8.63 7.03 0.93
C SER B 133 -10.07 7.09 1.37
N ARG B 134 -11.01 6.79 0.48
CA ARG B 134 -12.41 6.80 0.89
C ARG B 134 -12.58 5.81 2.05
N ASP B 135 -11.91 4.66 1.95
CA ASP B 135 -12.02 3.60 2.96
C ASP B 135 -11.56 4.04 4.34
N MET B 136 -10.44 4.76 4.38
CA MET B 136 -9.94 5.28 5.66
C MET B 136 -10.85 6.41 6.09
N TYR B 137 -11.24 7.25 5.13
CA TYR B 137 -12.11 8.38 5.36
C TYR B 137 -13.41 7.98 6.04
N ASN B 138 -13.94 6.79 5.74
CA ASN B 138 -15.20 6.37 6.35
C ASN B 138 -15.11 6.25 7.90
N TYR B 139 -13.91 6.13 8.44
CA TYR B 139 -13.73 5.98 9.89
C TYR B 139 -13.33 7.28 10.57
N LEU B 140 -13.22 8.35 9.79
CA LEU B 140 -12.75 9.66 10.27
C LEU B 140 -13.86 10.66 10.46
N THR B 141 -13.51 11.75 11.13
CA THR B 141 -14.41 12.87 11.29
C THR B 141 -15.20 13.18 10.03
N ASP B 142 -16.52 13.32 10.17
CA ASP B 142 -17.40 13.49 9.02
C ASP B 142 -16.88 14.61 8.09
N ARG B 143 -16.65 14.27 6.82
CA ARG B 143 -16.38 15.26 5.75
C ARG B 143 -14.96 15.82 5.72
N VAL B 144 -14.02 15.21 6.46
CA VAL B 144 -12.60 15.54 6.31
C VAL B 144 -12.27 15.41 4.80
N GLY B 145 -11.37 16.24 4.27
CA GLY B 145 -10.97 16.10 2.87
C GLY B 145 -10.46 14.67 2.64
N ASN B 146 -10.72 14.12 1.46
CA ASN B 146 -10.37 12.73 1.17
C ASN B 146 -10.14 12.63 -0.35
N PHE B 147 -9.42 11.60 -0.76
CA PHE B 147 -8.82 11.57 -2.07
C PHE B 147 -9.92 11.46 -3.13
N ARG B 148 -10.81 10.48 -2.97
CA ARG B 148 -11.91 10.27 -3.96
C ARG B 148 -12.76 11.52 -4.19
N GLU B 149 -13.07 12.25 -3.14
CA GLU B 149 -14.01 13.34 -3.28
C GLU B 149 -13.36 14.55 -3.92
N LEU B 150 -12.04 14.53 -4.00
CA LEU B 150 -11.38 15.69 -4.58
C LEU B 150 -11.01 15.38 -6.02
N GLU B 151 -10.84 14.09 -6.28
CA GLU B 151 -10.41 13.55 -7.56
C GLU B 151 -11.08 14.14 -8.77
N PRO B 152 -12.42 14.42 -8.72
CA PRO B 152 -13.08 14.94 -9.91
C PRO B 152 -12.60 16.31 -10.37
N TYR B 153 -11.81 16.99 -9.53
CA TYR B 153 -11.36 18.33 -9.80
C TYR B 153 -9.92 18.39 -10.21
N PHE B 154 -9.21 17.27 -10.18
CA PHE B 154 -7.77 17.27 -10.50
C PHE B 154 -7.38 18.01 -11.80
N SER B 155 -8.20 17.89 -12.85
CA SER B 155 -8.00 18.62 -14.10
C SER B 155 -7.77 20.09 -13.82
N VAL B 156 -8.54 20.65 -12.88
CA VAL B 156 -8.43 22.07 -12.56
C VAL B 156 -6.97 22.49 -12.31
N TRP B 157 -6.23 21.74 -11.53
CA TRP B 157 -4.87 22.16 -11.20
C TRP B 157 -3.83 21.79 -12.27
N ARG B 158 -4.25 21.01 -13.26
CA ARG B 158 -3.43 20.69 -14.44
C ARG B 158 -3.35 21.80 -15.52
N GLN B 159 -4.05 22.92 -15.32
CA GLN B 159 -4.14 24.01 -16.33
C GLN B 159 -3.21 25.23 -16.18
N PHE B 160 -2.05 25.06 -15.56
CA PHE B 160 -1.18 26.22 -15.31
C PHE B 160 0.18 26.09 -16.03
N ASN B 161 0.68 27.20 -16.57
CA ASN B 161 2.03 27.24 -17.14
C ASN B 161 3.03 27.66 -16.06
N LEU B 162 3.53 26.68 -15.31
CA LEU B 162 4.46 26.95 -14.22
C LEU B 162 5.88 26.41 -14.52
N LYS B 163 6.86 27.28 -14.65
CA LYS B 163 8.21 26.83 -14.83
C LYS B 163 8.69 26.33 -13.48
N ASP B 164 9.28 25.16 -13.43
CA ASP B 164 9.86 24.63 -12.18
C ASP B 164 8.87 24.56 -10.99
N ALA B 165 7.95 23.62 -11.05
CA ALA B 165 6.95 23.45 -9.99
C ALA B 165 6.55 21.99 -9.88
N TYR B 166 6.23 21.56 -8.65
CA TYR B 166 5.77 20.22 -8.38
C TYR B 166 4.51 20.25 -7.50
N LEU B 167 3.44 19.64 -7.98
CA LEU B 167 2.18 19.57 -7.25
C LEU B 167 1.68 18.14 -7.33
N ALA B 168 1.55 17.52 -6.16
CA ALA B 168 1.12 16.13 -6.06
C ALA B 168 0.15 15.91 -4.92
N ILE B 169 -0.77 14.96 -5.11
CA ILE B 169 -1.68 14.51 -4.04
C ILE B 169 -1.31 13.09 -3.63
N VAL B 170 -1.19 12.82 -2.33
CA VAL B 170 -0.84 11.48 -1.85
C VAL B 170 -2.06 10.86 -1.19
N GLU B 171 -2.43 9.62 -1.58
CA GLU B 171 -3.56 8.96 -0.97
C GLU B 171 -3.04 8.02 0.07
N ILE B 172 -3.47 8.22 1.32
CA ILE B 172 -3.05 7.32 2.39
C ILE B 172 -4.16 6.41 2.93
N GLU B 173 -3.76 5.39 3.70
CA GLU B 173 -4.72 4.52 4.32
C GLU B 173 -4.10 3.82 5.48
N HIS B 174 -4.95 3.47 6.44
CA HIS B 174 -4.59 2.64 7.56
C HIS B 174 -4.09 1.27 7.06
N ASP B 175 -3.24 0.64 7.86
CA ASP B 175 -2.66 -0.64 7.47
C ASP B 175 -3.65 -1.80 7.65
N SER B 176 -4.53 -1.64 8.63
CA SER B 176 -5.49 -2.67 9.04
C SER B 176 -6.47 -2.07 10.04
N VAL B 177 -7.51 -2.80 10.38
CA VAL B 177 -8.51 -2.32 11.34
C VAL B 177 -8.50 -3.24 12.58
N ASP B 178 -8.96 -2.71 13.71
CA ASP B 178 -9.04 -3.46 14.94
C ASP B 178 -10.00 -2.77 15.86
N ALA B 179 -11.16 -3.40 16.10
CA ALA B 179 -12.19 -2.86 16.98
C ALA B 179 -11.76 -2.76 18.45
N GLN B 180 -10.60 -3.31 18.75
CA GLN B 180 -10.09 -3.30 20.13
C GLN B 180 -9.04 -2.19 20.41
N VAL B 181 -8.53 -1.54 19.36
CA VAL B 181 -7.65 -0.38 19.62
C VAL B 181 -8.43 0.88 20.00
N SER B 182 -7.77 1.81 20.69
CA SER B 182 -8.33 3.15 21.00
C SER B 182 -8.76 4.01 19.78
N LEU B 183 -9.84 4.76 19.98
CA LEU B 183 -10.30 5.78 19.06
C LEU B 183 -9.30 6.94 19.05
N ILE B 184 -9.02 7.52 17.89
CA ILE B 184 -8.18 8.71 17.83
C ILE B 184 -9.02 9.83 18.38
N PRO B 185 -8.53 10.52 19.43
CA PRO B 185 -9.37 11.53 20.11
C PRO B 185 -9.95 12.58 19.18
N LYS B 186 -11.14 13.06 19.52
CA LYS B 186 -11.73 14.22 18.87
C LYS B 186 -11.69 15.42 19.84
N GLY B 187 -11.68 16.62 19.26
CA GLY B 187 -11.78 17.89 19.99
C GLY B 187 -13.08 18.08 20.78
N THR B 188 -14.12 17.32 20.45
CA THR B 188 -15.38 17.36 21.14
C THR B 188 -15.49 16.42 22.35
N ASP B 189 -14.47 15.58 22.57
CA ASP B 189 -14.49 14.59 23.64
C ASP B 189 -14.57 15.19 25.04
N GLY B 190 -15.49 14.67 25.85
CA GLY B 190 -15.74 15.19 27.21
C GLY B 190 -16.11 16.67 27.37
N ARG B 191 -17.20 17.08 26.73
CA ARG B 191 -17.66 18.48 26.63
C ARG B 191 -16.88 19.16 25.51
N ALA B 192 -15.76 19.83 25.86
CA ALA B 192 -14.79 20.41 24.88
C ALA B 192 -15.33 21.38 23.80
N MET C 1 7.51 -8.08 -18.92
CA MET C 1 8.60 -7.78 -17.94
C MET C 1 9.95 -7.80 -18.66
N LYS C 2 10.99 -7.29 -18.03
CA LYS C 2 12.32 -7.50 -18.59
C LYS C 2 13.09 -8.64 -17.86
N ILE C 3 13.99 -9.27 -18.58
CA ILE C 3 15.04 -10.03 -17.95
C ILE C 3 16.16 -9.10 -17.47
N LYS C 4 16.41 -9.10 -16.17
CA LYS C 4 17.41 -8.23 -15.64
C LYS C 4 18.80 -8.90 -15.71
N ARG C 5 18.88 -10.21 -15.59
CA ARG C 5 20.13 -10.93 -15.27
C ARG C 5 19.94 -12.44 -15.30
N ILE C 6 20.87 -13.14 -15.93
CA ILE C 6 20.90 -14.60 -15.99
C ILE C 6 22.21 -15.07 -15.34
N GLU C 7 22.10 -15.91 -14.31
CA GLU C 7 23.24 -16.57 -13.68
C GLU C 7 23.17 -18.06 -14.03
N VAL C 8 24.19 -18.53 -14.73
CA VAL C 8 24.22 -19.89 -15.25
C VAL C 8 25.02 -20.72 -14.25
N LEU C 9 24.31 -21.57 -13.51
CA LEU C 9 24.93 -22.33 -12.43
C LEU C 9 25.71 -23.56 -12.90
N ILE C 10 25.18 -24.28 -13.87
CA ILE C 10 25.81 -25.49 -14.33
C ILE C 10 25.59 -25.48 -15.81
N ASN C 11 26.62 -25.75 -16.61
CA ASN C 11 26.46 -25.77 -18.03
C ASN C 11 27.57 -26.66 -18.66
N ASN C 12 27.35 -27.97 -18.62
CA ASN C 12 28.42 -28.90 -18.99
C ASN C 12 28.14 -29.87 -20.12
N GLY C 13 27.11 -29.61 -20.91
CA GLY C 13 26.72 -30.58 -21.94
C GLY C 13 26.74 -30.06 -23.36
N SER C 14 26.83 -28.75 -23.51
CA SER C 14 26.56 -28.12 -24.81
C SER C 14 26.11 -29.15 -25.90
N VAL C 15 24.86 -29.60 -25.76
CA VAL C 15 24.07 -30.27 -26.78
C VAL C 15 22.80 -29.44 -26.98
N PRO C 16 22.39 -29.29 -28.25
CA PRO C 16 22.11 -28.02 -28.91
C PRO C 16 20.73 -27.35 -28.77
N GLY C 17 20.75 -26.01 -28.91
CA GLY C 17 19.53 -25.18 -29.01
C GLY C 17 19.00 -24.59 -27.71
N ILE C 18 19.85 -24.55 -26.70
CA ILE C 18 19.50 -23.94 -25.42
C ILE C 18 19.43 -22.42 -25.56
N PRO C 19 20.32 -21.79 -26.37
CA PRO C 19 20.11 -20.34 -26.56
C PRO C 19 18.76 -20.03 -27.18
N MET C 20 18.22 -20.98 -27.94
CA MET C 20 16.93 -20.89 -28.60
C MET C 20 15.73 -20.95 -27.66
N ILE C 21 15.79 -21.93 -26.76
CA ILE C 21 14.83 -22.15 -25.70
C ILE C 21 14.90 -20.95 -24.75
N LEU C 22 16.09 -20.43 -24.50
CA LEU C 22 16.22 -19.24 -23.68
C LEU C 22 15.45 -18.07 -24.31
N ASN C 23 15.54 -17.93 -25.64
CA ASN C 23 14.80 -16.92 -26.38
C ASN C 23 13.28 -17.08 -26.23
N GLU C 24 12.79 -18.30 -26.33
CA GLU C 24 11.36 -18.52 -26.10
C GLU C 24 10.94 -18.14 -24.67
N ILE C 25 11.81 -18.52 -23.72
CA ILE C 25 11.66 -18.11 -22.33
C ILE C 25 11.61 -16.58 -22.21
N GLN C 26 12.57 -15.89 -22.85
CA GLN C 26 12.59 -14.40 -22.87
C GLN C 26 11.31 -13.76 -23.53
N ASP C 27 10.87 -14.29 -24.67
CA ASP C 27 9.59 -13.85 -25.26
C ASP C 27 8.38 -13.97 -24.28
N ALA C 28 8.27 -15.13 -23.63
CA ALA C 28 7.17 -15.39 -22.71
C ALA C 28 7.15 -14.39 -21.56
N ILE C 29 8.34 -14.15 -20.98
CA ILE C 29 8.52 -13.18 -19.90
C ILE C 29 8.16 -11.77 -20.39
N LYS C 30 8.49 -11.50 -21.65
CA LYS C 30 8.23 -10.16 -22.25
C LYS C 30 6.73 -9.83 -22.32
N THR C 31 5.88 -10.83 -22.59
CA THR C 31 4.44 -10.58 -22.67
C THR C 31 3.80 -10.26 -21.30
N VAL C 32 4.52 -10.41 -20.18
CA VAL C 32 3.94 -10.14 -18.86
C VAL C 32 3.78 -8.61 -18.69
N SER C 33 2.54 -8.14 -18.55
CA SER C 33 2.18 -6.71 -18.61
C SER C 33 1.39 -6.28 -17.40
N TRP C 34 1.50 -5.00 -17.05
CA TRP C 34 0.62 -4.41 -16.03
C TRP C 34 0.45 -2.91 -16.32
N PRO C 35 -0.80 -2.40 -16.28
CA PRO C 35 -2.03 -3.16 -16.12
C PRO C 35 -2.19 -4.11 -17.32
N GLU C 36 -3.08 -5.10 -17.17
CA GLU C 36 -3.34 -6.06 -18.23
C GLU C 36 -3.68 -5.35 -19.50
N GLY C 37 -3.12 -5.85 -20.59
CA GLY C 37 -3.37 -5.27 -21.91
C GLY C 37 -2.32 -4.27 -22.39
N ASN C 38 -1.61 -3.62 -21.46
CA ASN C 38 -0.62 -2.58 -21.83
C ASN C 38 0.60 -3.22 -22.44
N ASN C 39 1.56 -2.42 -22.89
CA ASN C 39 2.66 -2.96 -23.69
C ASN C 39 3.91 -3.15 -22.87
N SER C 40 3.78 -2.92 -21.55
CA SER C 40 4.90 -3.05 -20.65
C SER C 40 4.41 -3.37 -19.22
N PHE C 41 5.35 -3.63 -18.32
CA PHE C 41 4.96 -3.95 -16.96
C PHE C 41 5.28 -2.74 -16.12
N VAL C 42 4.25 -1.99 -15.77
CA VAL C 42 4.45 -0.81 -14.97
C VAL C 42 3.86 -1.14 -13.64
N ILE C 43 4.65 -0.96 -12.57
CA ILE C 43 4.21 -1.29 -11.18
C ILE C 43 4.08 -0.06 -10.25
N ASN C 44 3.01 -0.04 -9.42
CA ASN C 44 2.82 0.93 -8.37
C ASN C 44 3.75 0.65 -7.16
N PRO C 45 4.71 1.58 -6.87
CA PRO C 45 5.78 1.34 -5.89
C PRO C 45 5.35 1.38 -4.39
N VAL C 46 4.25 0.71 -4.06
CA VAL C 46 3.78 0.68 -2.70
C VAL C 46 4.52 -0.42 -1.97
N ARG C 47 5.08 -0.11 -0.80
CA ARG C 47 5.73 -1.11 0.07
C ARG C 47 4.83 -2.33 0.33
N LYS C 48 5.28 -3.49 -0.16
CA LYS C 48 4.58 -4.77 -0.08
C LYS C 48 3.11 -4.74 -0.52
N GLY C 49 2.81 -3.89 -1.52
CA GLY C 49 1.44 -3.53 -1.80
C GLY C 49 0.77 -4.30 -2.91
N ASN C 50 1.56 -5.03 -3.72
CA ASN C 50 0.99 -5.83 -4.81
C ASN C 50 0.98 -7.34 -4.55
N GLY C 51 -0.11 -8.00 -4.89
CA GLY C 51 -0.20 -9.45 -4.82
C GLY C 51 0.49 -9.96 -6.06
N VAL C 52 0.73 -11.28 -6.12
CA VAL C 52 1.58 -11.85 -7.17
C VAL C 52 0.85 -12.80 -8.13
N LYS C 53 -0.34 -13.27 -7.75
CA LYS C 53 -0.98 -14.33 -8.50
C LYS C 53 -1.11 -14.07 -10.01
N PRO C 54 -1.53 -12.87 -10.41
CA PRO C 54 -1.72 -12.80 -11.86
C PRO C 54 -0.43 -12.68 -12.68
N ILE C 55 0.71 -12.43 -12.03
CA ILE C 55 1.93 -12.09 -12.76
C ILE C 55 2.36 -13.17 -13.76
N LYS C 56 2.34 -14.45 -13.34
CA LYS C 56 2.74 -15.56 -14.21
C LYS C 56 1.90 -15.77 -15.50
N ASN C 57 0.66 -15.29 -15.48
CA ASN C 57 -0.37 -15.73 -16.44
C ASN C 57 0.08 -15.59 -17.90
N SER C 58 0.41 -14.38 -18.35
CA SER C 58 0.75 -14.21 -19.73
C SER C 58 1.94 -15.11 -20.11
N CYS C 59 2.89 -15.29 -19.18
CA CYS C 59 4.13 -16.02 -19.49
C CYS C 59 3.85 -17.51 -19.72
N MET C 60 2.99 -18.08 -18.88
CA MET C 60 2.68 -19.51 -18.97
C MET C 60 1.82 -19.78 -20.17
N ARG C 61 0.86 -18.89 -20.43
CA ARG C 61 0.03 -19.00 -21.62
C ARG C 61 0.92 -18.93 -22.88
N HIS C 62 1.87 -18.00 -22.90
CA HIS C 62 2.83 -17.90 -24.02
C HIS C 62 3.59 -19.20 -24.23
N LEU C 63 4.08 -19.81 -23.14
CA LEU C 63 4.85 -21.05 -23.22
C LEU C 63 3.95 -22.17 -23.73
N HIS C 64 2.76 -22.26 -23.16
CA HIS C 64 1.78 -23.23 -23.65
C HIS C 64 1.44 -23.02 -25.14
N GLN C 65 1.26 -21.77 -25.53
CA GLN C 65 0.95 -21.51 -26.95
C GLN C 65 2.11 -21.90 -27.87
N LYS C 66 3.35 -21.91 -27.34
CA LYS C 66 4.54 -22.35 -28.06
C LYS C 66 4.79 -23.85 -27.91
N GLY C 67 3.84 -24.57 -27.34
CA GLY C 67 3.94 -26.02 -27.30
C GLY C 67 4.70 -26.56 -26.11
N TRP C 68 4.91 -25.73 -25.09
CA TRP C 68 5.41 -26.25 -23.83
C TRP C 68 4.31 -27.05 -23.13
N ALA C 69 4.71 -28.10 -22.42
CA ALA C 69 3.77 -28.87 -21.60
C ALA C 69 3.76 -28.31 -20.17
N LEU C 70 2.57 -28.01 -19.63
CA LEU C 70 2.41 -27.42 -18.30
C LEU C 70 2.15 -28.47 -17.25
N GLU C 71 2.63 -28.25 -16.02
CA GLU C 71 2.39 -29.21 -14.89
C GLU C 71 2.86 -30.60 -15.32
N HIS C 72 4.12 -30.68 -15.71
CA HIS C 72 4.66 -31.87 -16.32
C HIS C 72 5.18 -32.73 -15.20
N PRO C 73 4.63 -33.93 -15.05
CA PRO C 73 5.08 -34.83 -13.99
C PRO C 73 6.56 -35.26 -14.06
N VAL C 74 7.19 -35.35 -12.89
CA VAL C 74 8.56 -35.80 -12.76
C VAL C 74 8.53 -37.34 -12.59
N ARG C 75 8.62 -38.07 -13.70
CA ARG C 75 8.39 -39.53 -13.69
C ARG C 75 9.64 -40.31 -13.27
N ILE C 76 10.08 -40.05 -12.05
CA ILE C 76 11.15 -40.83 -11.43
C ILE C 76 10.70 -42.27 -11.15
N LYS C 77 11.63 -43.23 -11.24
CA LYS C 77 11.32 -44.62 -10.93
C LYS C 77 11.46 -44.89 -9.42
N ALA C 78 10.50 -44.46 -8.62
CA ALA C 78 10.56 -44.70 -7.17
C ALA C 78 9.15 -44.48 -6.69
N GLU C 79 8.74 -45.11 -5.60
CA GLU C 79 7.36 -44.92 -5.19
C GLU C 79 7.14 -43.46 -4.82
N MET C 80 8.13 -42.82 -4.20
CA MET C 80 7.92 -41.44 -3.78
C MET C 80 8.57 -40.39 -4.64
N ARG C 81 7.71 -39.49 -5.14
CA ARG C 81 7.98 -38.64 -6.24
C ARG C 81 7.60 -37.19 -5.92
N PRO C 82 8.37 -36.24 -6.46
CA PRO C 82 8.03 -34.82 -6.38
C PRO C 82 6.85 -34.51 -7.29
N GLY C 83 6.18 -33.41 -7.02
CA GLY C 83 5.07 -33.05 -7.85
C GLY C 83 5.59 -32.41 -9.15
N PRO C 84 4.68 -31.91 -9.97
CA PRO C 84 4.96 -31.52 -11.31
C PRO C 84 5.84 -30.27 -11.43
N LEU C 85 6.53 -30.15 -12.57
CA LEU C 85 7.22 -28.92 -12.97
C LEU C 85 6.21 -28.00 -13.67
N ASP C 86 6.31 -26.69 -13.40
CA ASP C 86 5.54 -25.64 -14.05
C ASP C 86 5.41 -25.85 -15.55
N ALA C 87 6.54 -26.07 -16.21
CA ALA C 87 6.53 -26.18 -17.66
C ALA C 87 7.73 -26.95 -18.17
N VAL C 88 7.52 -27.65 -19.26
CA VAL C 88 8.61 -28.35 -19.85
C VAL C 88 8.59 -28.21 -21.41
N LYS C 89 9.78 -28.08 -21.99
CA LYS C 89 9.89 -28.08 -23.44
C LYS C 89 10.56 -29.36 -23.94
N MET C 90 9.89 -30.00 -24.89
CA MET C 90 10.36 -31.19 -25.59
C MET C 90 11.20 -30.85 -26.82
N ILE C 91 12.48 -31.18 -26.76
CA ILE C 91 13.32 -31.16 -27.94
C ILE C 91 13.23 -32.52 -28.65
N GLY C 92 14.25 -33.37 -28.52
CA GLY C 92 14.23 -34.57 -29.36
C GLY C 92 13.74 -35.72 -28.53
N GLY C 93 12.61 -35.57 -27.86
CA GLY C 93 12.27 -36.50 -26.79
C GLY C 93 12.98 -36.17 -25.48
N LYS C 94 13.76 -35.10 -25.49
CA LYS C 94 14.44 -34.66 -24.28
C LYS C 94 13.69 -33.44 -23.70
N ALA C 95 13.57 -33.36 -22.37
CA ALA C 95 12.79 -32.29 -21.71
C ALA C 95 13.65 -31.23 -21.05
N PHE C 96 13.32 -29.95 -21.27
CA PHE C 96 13.97 -28.84 -20.60
C PHE C 96 12.91 -28.12 -19.75
N ALA C 97 13.19 -28.00 -18.46
CA ALA C 97 12.19 -27.51 -17.49
C ALA C 97 12.27 -26.02 -17.25
N LEU C 98 11.16 -25.44 -16.85
CA LEU C 98 11.15 -24.04 -16.38
C LEU C 98 10.33 -23.98 -15.12
N GLU C 99 10.89 -23.38 -14.07
CA GLU C 99 10.12 -23.05 -12.85
C GLU C 99 9.99 -21.53 -12.69
N TRP C 100 8.77 -21.07 -12.76
CA TRP C 100 8.46 -19.72 -12.42
C TRP C 100 8.24 -19.60 -10.92
N GLU C 101 8.91 -18.63 -10.32
CA GLU C 101 8.75 -18.46 -8.85
C GLU C 101 8.30 -17.11 -8.36
N THR C 102 7.00 -17.02 -8.08
CA THR C 102 6.52 -15.97 -7.20
C THR C 102 5.94 -16.54 -5.90
N GLY C 103 6.37 -17.76 -5.56
CA GLY C 103 5.98 -18.34 -4.26
C GLY C 103 6.73 -17.66 -3.13
N ASN C 104 6.49 -18.11 -1.91
CA ASN C 104 7.39 -17.71 -0.80
C ASN C 104 8.83 -18.00 -1.23
N ILE C 105 9.76 -17.17 -0.79
CA ILE C 105 11.17 -17.44 -1.10
C ILE C 105 11.61 -18.92 -0.85
N SER C 106 11.15 -19.56 0.22
CA SER C 106 11.56 -20.95 0.46
C SER C 106 11.07 -21.90 -0.65
N SER C 107 10.03 -21.50 -1.39
CA SER C 107 9.53 -22.35 -2.51
C SER C 107 10.60 -22.51 -3.63
N SER C 108 11.48 -21.50 -3.80
CA SER C 108 12.58 -21.60 -4.78
C SER C 108 13.50 -22.79 -4.39
N HIS C 109 13.57 -23.09 -3.10
CA HIS C 109 14.44 -24.18 -2.70
C HIS C 109 13.88 -25.53 -3.14
N ARG C 110 12.55 -25.68 -3.08
CA ARG C 110 11.89 -26.90 -3.59
C ARG C 110 12.06 -26.96 -5.11
N ALA C 111 11.78 -25.86 -5.79
CA ALA C 111 12.00 -25.76 -7.24
C ALA C 111 13.40 -26.16 -7.71
N ILE C 112 14.47 -25.65 -7.09
CA ILE C 112 15.82 -26.11 -7.45
C ILE C 112 16.04 -27.60 -7.19
N ASN C 113 15.73 -28.05 -5.99
CA ASN C 113 15.83 -29.46 -5.69
C ASN C 113 15.01 -30.36 -6.64
N LYS C 114 13.85 -29.91 -7.11
CA LYS C 114 13.05 -30.68 -8.04
C LYS C 114 13.78 -30.81 -9.40
N MET C 115 14.34 -29.71 -9.87
CA MET C 115 15.03 -29.72 -11.11
C MET C 115 16.30 -30.56 -10.97
N VAL C 116 16.96 -30.44 -9.81
CA VAL C 116 18.16 -31.22 -9.58
C VAL C 116 17.85 -32.75 -9.57
N MET C 117 16.78 -33.14 -8.87
CA MET C 117 16.28 -34.54 -8.92
C MET C 117 16.01 -34.94 -10.37
N GLY C 118 15.28 -34.08 -11.06
CA GLY C 118 15.00 -34.26 -12.48
C GLY C 118 16.25 -34.65 -13.25
N MET C 119 17.32 -33.91 -13.06
CA MET C 119 18.60 -34.17 -13.75
C MET C 119 19.37 -35.37 -13.19
N LEU C 120 19.29 -35.61 -11.88
CA LEU C 120 19.95 -36.76 -11.29
C LEU C 120 19.40 -38.04 -11.91
N GLU C 121 18.10 -38.01 -12.17
CA GLU C 121 17.34 -39.18 -12.55
C GLU C 121 17.13 -39.20 -14.04
N ARG C 122 17.73 -38.23 -14.71
CA ARG C 122 17.86 -38.19 -16.18
C ARG C 122 16.52 -38.04 -16.93
N VAL C 123 15.49 -37.52 -16.26
CA VAL C 123 14.20 -37.23 -16.92
C VAL C 123 14.09 -35.80 -17.55
N ILE C 124 15.00 -34.89 -17.19
CA ILE C 124 15.13 -33.59 -17.85
C ILE C 124 16.58 -33.30 -18.09
N ILE C 125 16.86 -32.49 -19.10
CA ILE C 125 18.26 -32.22 -19.45
C ILE C 125 18.73 -30.97 -18.75
N GLY C 126 17.81 -30.18 -18.26
CA GLY C 126 18.15 -28.91 -17.63
C GLY C 126 16.96 -28.07 -17.25
N GLY C 127 17.23 -26.91 -16.67
CA GLY C 127 16.14 -26.02 -16.39
C GLY C 127 16.54 -24.63 -16.02
N VAL C 128 15.56 -23.73 -16.02
CA VAL C 128 15.73 -22.39 -15.51
C VAL C 128 14.76 -22.18 -14.38
N LEU C 129 15.16 -21.35 -13.43
CA LEU C 129 14.26 -20.83 -12.44
C LEU C 129 14.11 -19.34 -12.71
N ILE C 130 12.85 -18.90 -12.81
CA ILE C 130 12.50 -17.50 -13.04
C ILE C 130 11.95 -16.91 -11.77
N LEU C 131 12.49 -15.76 -11.35
CA LEU C 131 11.98 -15.09 -10.17
C LEU C 131 12.34 -13.58 -10.13
N PRO C 132 11.61 -12.78 -9.32
CA PRO C 132 11.76 -11.32 -9.28
C PRO C 132 13.09 -10.83 -8.76
N SER C 133 13.47 -9.61 -9.13
CA SER C 133 14.62 -8.92 -8.55
C SER C 133 14.19 -8.44 -7.19
N ARG C 134 15.15 -8.13 -6.32
CA ARG C 134 14.84 -7.62 -5.01
C ARG C 134 14.12 -6.27 -5.10
N ASP C 135 14.42 -5.47 -6.12
CA ASP C 135 13.74 -4.15 -6.34
C ASP C 135 12.28 -4.32 -6.58
N MET C 136 11.89 -5.36 -7.32
CA MET C 136 10.48 -5.66 -7.58
C MET C 136 9.87 -6.26 -6.34
N TYR C 137 10.59 -7.24 -5.79
CA TYR C 137 10.22 -7.86 -4.51
C TYR C 137 9.68 -6.83 -3.50
N ASN C 138 10.33 -5.66 -3.36
CA ASN C 138 9.88 -4.64 -2.35
C ASN C 138 8.43 -4.19 -2.51
N TYR C 139 7.87 -4.37 -3.68
CA TYR C 139 6.52 -3.88 -3.98
C TYR C 139 5.54 -5.02 -4.00
N LEU C 140 6.04 -6.22 -3.71
CA LEU C 140 5.20 -7.44 -3.75
C LEU C 140 4.90 -7.96 -2.37
N THR C 141 3.92 -8.86 -2.27
CA THR C 141 3.65 -9.56 -1.05
C THR C 141 4.95 -9.95 -0.33
N ASP C 142 4.99 -9.70 0.98
CA ASP C 142 6.12 -10.07 1.79
C ASP C 142 6.61 -11.51 1.64
N ARG C 143 7.91 -11.62 1.48
CA ARG C 143 8.66 -12.87 1.49
C ARG C 143 8.44 -13.74 0.25
N VAL C 144 8.00 -13.18 -0.87
CA VAL C 144 7.96 -14.01 -2.10
C VAL C 144 9.40 -14.10 -2.69
N GLY C 145 9.58 -14.93 -3.71
CA GLY C 145 10.88 -15.15 -4.30
C GLY C 145 11.53 -13.87 -4.75
N ASN C 146 12.83 -13.80 -4.58
CA ASN C 146 13.58 -12.64 -5.07
C ASN C 146 15.02 -13.11 -5.28
N PHE C 147 15.59 -12.74 -6.41
CA PHE C 147 16.94 -13.18 -6.77
C PHE C 147 17.96 -13.03 -5.64
N ARG C 148 18.08 -11.84 -5.07
CA ARG C 148 19.11 -11.56 -4.06
C ARG C 148 19.19 -12.60 -2.93
N GLU C 149 18.05 -12.94 -2.33
CA GLU C 149 18.00 -13.90 -1.20
C GLU C 149 18.49 -15.33 -1.54
N LEU C 150 18.51 -15.67 -2.83
CA LEU C 150 19.02 -16.96 -3.30
C LEU C 150 20.53 -16.94 -3.56
N GLU C 151 21.09 -15.77 -3.78
CA GLU C 151 22.54 -15.64 -4.08
C GLU C 151 23.52 -16.39 -3.16
N PRO C 152 23.32 -16.36 -1.83
CA PRO C 152 24.26 -17.12 -0.97
C PRO C 152 24.23 -18.63 -1.19
N TYR C 153 23.19 -19.15 -1.83
CA TYR C 153 23.07 -20.60 -2.06
C TYR C 153 23.68 -21.09 -3.36
N PHE C 154 24.11 -20.16 -4.20
CA PHE C 154 24.63 -20.50 -5.52
C PHE C 154 25.86 -21.38 -5.42
N SER C 155 26.75 -21.03 -4.48
CA SER C 155 27.94 -21.83 -4.28
C SER C 155 27.62 -23.28 -3.79
N VAL C 156 26.50 -23.51 -3.10
CA VAL C 156 26.13 -24.89 -2.79
C VAL C 156 25.57 -25.61 -4.00
N TRP C 157 24.74 -24.92 -4.81
CA TRP C 157 24.16 -25.54 -6.02
C TRP C 157 25.16 -25.73 -7.18
N ARG C 158 26.25 -24.98 -7.18
CA ARG C 158 27.25 -25.13 -8.22
C ARG C 158 27.91 -26.49 -8.03
N GLN C 159 27.70 -27.07 -6.86
CA GLN C 159 28.43 -28.30 -6.54
C GLN C 159 27.75 -29.64 -6.91
N PHE C 160 26.56 -29.60 -7.49
CA PHE C 160 26.01 -30.82 -8.06
C PHE C 160 26.82 -31.34 -9.25
N ASN C 161 27.08 -32.64 -9.27
CA ASN C 161 27.71 -33.28 -10.40
C ASN C 161 26.62 -33.87 -11.31
N LEU C 162 26.19 -33.10 -12.30
CA LEU C 162 25.10 -33.56 -13.17
C LEU C 162 25.61 -33.89 -14.58
N LYS C 163 24.92 -34.75 -15.29
CA LYS C 163 25.44 -35.12 -16.60
C LYS C 163 24.80 -34.30 -17.74
N ASP C 164 25.61 -33.73 -18.63
CA ASP C 164 25.04 -33.07 -19.81
C ASP C 164 23.89 -32.16 -19.38
N ALA C 165 24.21 -31.24 -18.48
CA ALA C 165 23.24 -30.60 -17.64
C ALA C 165 23.29 -29.10 -17.82
N TYR C 166 22.16 -28.43 -17.58
CA TYR C 166 22.09 -26.97 -17.65
C TYR C 166 21.17 -26.46 -16.56
N LEU C 167 21.65 -25.52 -15.76
CA LEU C 167 20.81 -24.90 -14.75
C LEU C 167 21.07 -23.40 -14.63
N ALA C 168 20.03 -22.60 -14.87
CA ALA C 168 20.19 -21.15 -14.76
C ALA C 168 19.08 -20.46 -13.97
N ILE C 169 19.44 -19.35 -13.33
CA ILE C 169 18.51 -18.56 -12.60
C ILE C 169 18.34 -17.29 -13.33
N VAL C 170 17.08 -16.97 -13.66
CA VAL C 170 16.75 -15.73 -14.37
C VAL C 170 16.06 -14.69 -13.48
N GLU C 171 16.70 -13.54 -13.31
CA GLU C 171 16.10 -12.41 -12.61
C GLU C 171 15.22 -11.57 -13.52
N ILE C 172 13.96 -11.37 -13.13
CA ILE C 172 13.03 -10.52 -13.87
C ILE C 172 12.63 -9.28 -13.07
N GLU C 173 12.14 -8.27 -13.78
CA GLU C 173 11.75 -6.99 -13.18
C GLU C 173 10.67 -6.31 -13.98
N HIS C 174 9.95 -5.43 -13.31
CA HIS C 174 8.98 -4.56 -13.95
C HIS C 174 9.80 -3.66 -14.90
N ASP C 175 9.16 -3.12 -15.92
CA ASP C 175 9.85 -2.19 -16.83
C ASP C 175 10.09 -0.82 -16.23
N SER C 176 9.14 -0.34 -15.43
CA SER C 176 9.22 0.98 -14.77
C SER C 176 8.28 0.99 -13.58
N VAL C 177 8.34 2.03 -12.76
CA VAL C 177 7.39 2.22 -11.63
C VAL C 177 6.57 3.52 -11.84
N ASP C 178 5.28 3.48 -11.49
CA ASP C 178 4.39 4.63 -11.61
C ASP C 178 3.36 4.57 -10.48
N ALA C 179 3.38 5.58 -9.59
CA ALA C 179 2.53 5.57 -8.38
C ALA C 179 1.04 5.84 -8.63
N GLN C 180 0.67 5.97 -9.90
CA GLN C 180 -0.70 6.20 -10.31
C GLN C 180 -1.38 4.95 -10.87
N VAL C 181 -0.62 3.92 -11.21
CA VAL C 181 -1.27 2.69 -11.74
C VAL C 181 -1.94 1.91 -10.62
N SER C 182 -2.89 1.09 -10.99
CA SER C 182 -3.61 0.28 -10.04
C SER C 182 -2.66 -0.75 -9.39
N LEU C 183 -3.04 -1.14 -8.18
CA LEU C 183 -2.37 -2.24 -7.51
C LEU C 183 -2.82 -3.61 -8.01
N ILE C 184 -1.89 -4.58 -7.99
CA ILE C 184 -2.24 -5.99 -8.28
C ILE C 184 -2.95 -6.57 -7.06
N PRO C 185 -4.16 -7.10 -7.26
CA PRO C 185 -4.88 -7.60 -6.10
C PRO C 185 -4.18 -8.73 -5.38
N LYS C 186 -4.48 -8.83 -4.09
CA LYS C 186 -4.09 -9.94 -3.23
C LYS C 186 -5.22 -10.95 -3.04
N GLY C 187 -4.87 -12.21 -2.92
CA GLY C 187 -5.83 -13.27 -2.55
C GLY C 187 -5.96 -13.38 -1.03
N THR C 188 -6.63 -14.42 -0.54
CA THR C 188 -7.00 -14.48 0.87
C THR C 188 -6.13 -15.46 1.66
N ASP C 189 -5.00 -15.86 1.06
CA ASP C 189 -4.10 -16.87 1.60
C ASP C 189 -3.55 -16.53 2.94
N GLY C 190 -3.34 -17.59 3.71
CA GLY C 190 -2.46 -17.52 4.89
C GLY C 190 -2.89 -16.48 5.89
N ARG C 191 -2.08 -15.45 6.11
CA ARG C 191 -2.37 -14.50 7.18
C ARG C 191 -3.08 -13.21 6.65
N ALA C 192 -3.53 -13.27 5.39
CA ALA C 192 -4.31 -12.17 4.83
C ALA C 192 -5.43 -11.74 5.76
N ILE C 193 -6.22 -12.71 6.24
CA ILE C 193 -7.46 -12.38 6.99
C ILE C 193 -7.24 -11.98 8.46
N ARG C 194 -6.45 -12.76 9.17
CA ARG C 194 -6.15 -12.49 10.57
C ARG C 194 -4.84 -13.18 10.97
N MET D 1 6.55 -38.23 23.14
CA MET D 1 6.76 -38.19 21.68
C MET D 1 7.60 -39.38 21.20
N LYS D 2 7.13 -40.03 20.12
CA LYS D 2 7.78 -41.19 19.51
C LYS D 2 8.81 -40.76 18.48
N ILE D 3 9.92 -41.46 18.40
CA ILE D 3 10.80 -41.44 17.25
C ILE D 3 10.56 -42.70 16.41
N LYS D 4 10.31 -42.53 15.13
CA LYS D 4 10.06 -43.65 14.26
C LYS D 4 11.31 -44.01 13.49
N ARG D 5 11.98 -43.03 12.92
CA ARG D 5 13.13 -43.32 12.05
C ARG D 5 14.02 -42.12 11.98
N ILE D 6 15.29 -42.41 11.84
CA ILE D 6 16.32 -41.42 11.61
C ILE D 6 16.94 -41.69 10.23
N GLU D 7 16.87 -40.71 9.35
CA GLU D 7 17.41 -40.86 8.03
C GLU D 7 18.74 -40.12 8.02
N VAL D 8 19.82 -40.90 7.94
CA VAL D 8 21.16 -40.36 7.95
C VAL D 8 21.56 -40.02 6.54
N LEU D 9 21.50 -38.74 6.21
CA LEU D 9 21.77 -38.33 4.83
C LEU D 9 23.26 -38.23 4.56
N ILE D 10 24.02 -37.77 5.55
CA ILE D 10 25.47 -37.60 5.45
C ILE D 10 26.07 -38.02 6.78
N ASN D 11 27.09 -38.85 6.69
CA ASN D 11 27.87 -39.32 7.83
C ASN D 11 29.26 -39.77 7.36
N ASN D 12 30.20 -38.83 7.37
CA ASN D 12 31.62 -39.05 7.03
C ASN D 12 32.47 -38.71 8.26
N GLY D 13 33.48 -39.54 8.53
CA GLY D 13 33.79 -40.02 9.91
C GLY D 13 34.54 -39.22 10.94
N SER D 14 33.83 -38.29 11.57
CA SER D 14 34.40 -37.25 12.49
C SER D 14 33.47 -37.02 13.67
N VAL D 15 33.36 -38.08 14.47
CA VAL D 15 32.51 -38.12 15.66
C VAL D 15 33.29 -37.66 16.87
N PRO D 16 34.32 -36.82 16.66
CA PRO D 16 34.71 -36.11 17.87
C PRO D 16 33.43 -35.45 18.45
N GLY D 17 32.57 -36.27 19.09
CA GLY D 17 31.39 -35.79 19.81
C GLY D 17 30.00 -36.27 19.38
N ILE D 18 29.86 -36.88 18.20
CA ILE D 18 28.52 -37.10 17.64
C ILE D 18 27.68 -38.12 18.41
N PRO D 19 28.28 -39.23 18.84
CA PRO D 19 27.37 -40.19 19.47
C PRO D 19 26.65 -39.61 20.71
N MET D 20 27.39 -38.87 21.54
CA MET D 20 26.80 -38.19 22.71
C MET D 20 25.70 -37.19 22.28
N ILE D 21 26.00 -36.36 21.28
CA ILE D 21 25.03 -35.42 20.78
C ILE D 21 23.72 -36.08 20.37
N LEU D 22 23.80 -37.21 19.66
CA LEU D 22 22.61 -37.92 19.16
C LEU D 22 21.80 -38.47 20.30
N ASN D 23 22.47 -38.99 21.32
CA ASN D 23 21.81 -39.45 22.54
C ASN D 23 21.01 -38.31 23.19
N GLU D 24 21.61 -37.11 23.30
CA GLU D 24 20.94 -35.97 23.95
C GLU D 24 19.67 -35.55 23.24
N ILE D 25 19.77 -35.38 21.92
CA ILE D 25 18.63 -35.04 21.07
C ILE D 25 17.53 -36.06 21.30
N GLN D 26 17.88 -37.34 21.22
CA GLN D 26 16.82 -38.38 21.33
C GLN D 26 16.06 -38.38 22.65
N ASP D 27 16.77 -38.22 23.77
CA ASP D 27 16.12 -38.15 25.09
C ASP D 27 15.22 -36.92 25.21
N ALA D 28 15.74 -35.78 24.77
CA ALA D 28 15.04 -34.51 24.83
C ALA D 28 13.74 -34.58 23.98
N ILE D 29 13.79 -35.25 22.83
CA ILE D 29 12.57 -35.45 22.02
C ILE D 29 11.52 -36.25 22.77
N LYS D 30 11.98 -37.31 23.41
CA LYS D 30 11.12 -38.20 24.13
C LYS D 30 10.53 -37.50 25.36
N THR D 31 11.15 -36.42 25.82
CA THR D 31 10.50 -35.66 26.91
C THR D 31 9.23 -34.87 26.44
N VAL D 32 9.04 -34.71 25.14
CA VAL D 32 7.91 -33.88 24.64
C VAL D 32 6.54 -34.58 24.82
N SER D 33 5.68 -33.92 25.56
CA SER D 33 4.40 -34.45 26.02
C SER D 33 3.30 -33.45 25.70
N TRP D 34 2.06 -33.91 25.77
CA TRP D 34 0.92 -33.02 25.59
C TRP D 34 -0.22 -33.73 26.24
N PRO D 35 -1.10 -32.98 26.94
CA PRO D 35 -0.98 -31.57 27.28
C PRO D 35 0.20 -31.38 28.23
N GLU D 36 0.65 -30.14 28.46
CA GLU D 36 1.81 -29.92 29.35
C GLU D 36 1.55 -30.47 30.71
N GLY D 37 2.59 -30.99 31.35
CA GLY D 37 2.42 -31.72 32.63
C GLY D 37 2.12 -33.21 32.49
N ASN D 38 1.62 -33.64 31.34
CA ASN D 38 1.37 -35.06 31.06
C ASN D 38 2.70 -35.78 30.77
N ASN D 39 2.65 -37.10 30.70
CA ASN D 39 3.82 -37.95 30.58
C ASN D 39 3.90 -38.67 29.20
N SER D 40 2.97 -38.37 28.30
CA SER D 40 3.17 -38.70 26.88
C SER D 40 2.59 -37.60 26.01
N PHE D 41 2.79 -37.71 24.71
CA PHE D 41 2.27 -36.72 23.75
C PHE D 41 1.03 -37.33 23.20
N VAL D 42 -0.09 -36.85 23.71
CA VAL D 42 -1.41 -37.29 23.36
C VAL D 42 -2.04 -36.17 22.54
N ILE D 43 -2.42 -36.45 21.29
CA ILE D 43 -2.88 -35.40 20.37
C ILE D 43 -4.37 -35.57 20.08
N ASN D 44 -5.10 -34.44 20.05
CA ASN D 44 -6.49 -34.39 19.64
C ASN D 44 -6.51 -34.57 18.12
N PRO D 45 -7.08 -35.67 17.59
CA PRO D 45 -6.94 -35.88 16.16
C PRO D 45 -7.88 -35.03 15.29
N VAL D 46 -7.87 -33.71 15.43
CA VAL D 46 -8.64 -32.86 14.51
C VAL D 46 -7.78 -32.58 13.25
N ARG D 47 -8.30 -32.87 12.06
CA ARG D 47 -7.48 -32.70 10.90
C ARG D 47 -7.09 -31.22 10.75
N LYS D 48 -5.77 -30.95 10.69
CA LYS D 48 -5.25 -29.56 10.66
C LYS D 48 -5.61 -28.70 11.86
N GLY D 49 -5.99 -29.36 12.96
CA GLY D 49 -6.58 -28.68 14.11
C GLY D 49 -5.55 -28.11 15.08
N ASN D 50 -4.32 -28.62 15.04
CA ASN D 50 -3.33 -28.22 16.00
C ASN D 50 -2.26 -27.28 15.45
N GLY D 51 -1.95 -26.22 16.18
CA GLY D 51 -0.76 -25.38 15.83
C GLY D 51 0.58 -26.05 16.16
N VAL D 52 1.68 -25.55 15.61
CA VAL D 52 2.95 -26.26 15.67
C VAL D 52 4.09 -25.58 16.46
N LYS D 53 3.92 -24.31 16.82
CA LYS D 53 5.04 -23.56 17.35
C LYS D 53 5.57 -24.10 18.72
N PRO D 54 4.65 -24.40 19.67
CA PRO D 54 5.24 -24.72 20.97
C PRO D 54 5.53 -26.22 21.21
N ILE D 55 5.27 -27.06 20.24
CA ILE D 55 5.56 -28.48 20.36
C ILE D 55 6.97 -28.79 20.87
N LYS D 56 8.00 -28.07 20.41
CA LYS D 56 9.40 -28.35 20.78
C LYS D 56 9.80 -27.99 22.20
N ASN D 57 9.00 -27.15 22.87
CA ASN D 57 9.48 -26.41 24.05
C ASN D 57 10.25 -27.24 25.08
N SER D 58 9.71 -28.41 25.37
CA SER D 58 10.27 -29.30 26.37
C SER D 58 11.60 -29.87 25.93
N CYS D 59 11.69 -30.20 24.65
CA CYS D 59 12.91 -30.74 24.09
C CYS D 59 14.02 -29.67 24.13
N MET D 60 13.71 -28.43 23.70
CA MET D 60 14.67 -27.34 23.80
C MET D 60 15.03 -27.00 25.25
N ARG D 61 14.07 -27.11 26.17
CA ARG D 61 14.38 -26.90 27.60
C ARG D 61 15.39 -27.91 28.11
N HIS D 62 15.16 -29.17 27.80
CA HIS D 62 16.07 -30.19 28.26
C HIS D 62 17.44 -30.11 27.56
N LEU D 63 17.45 -29.68 26.29
CA LEU D 63 18.73 -29.52 25.63
C LEU D 63 19.53 -28.39 26.26
N HIS D 64 18.85 -27.35 26.71
CA HIS D 64 19.56 -26.26 27.36
C HIS D 64 20.25 -26.71 28.67
N GLN D 65 19.62 -27.65 29.36
CA GLN D 65 20.12 -28.14 30.62
C GLN D 65 21.39 -28.89 30.36
N LYS D 66 21.56 -29.34 29.13
CA LYS D 66 22.69 -30.14 28.69
C LYS D 66 23.74 -29.36 27.90
N GLY D 67 23.71 -28.03 27.94
CA GLY D 67 24.74 -27.21 27.32
C GLY D 67 24.41 -26.67 25.93
N TRP D 68 23.17 -26.80 25.47
CA TRP D 68 22.86 -26.29 24.14
C TRP D 68 22.40 -24.86 24.35
N ALA D 69 22.79 -23.97 23.44
CA ALA D 69 22.35 -22.60 23.39
C ALA D 69 21.15 -22.54 22.47
N LEU D 70 20.06 -21.92 22.93
CA LEU D 70 18.77 -21.90 22.20
C LEU D 70 18.60 -20.66 21.33
N GLU D 71 17.83 -20.79 20.24
CA GLU D 71 17.52 -19.68 19.30
C GLU D 71 18.79 -18.92 18.95
N HIS D 72 19.78 -19.67 18.46
CA HIS D 72 21.12 -19.16 18.36
C HIS D 72 21.56 -18.78 16.92
N PRO D 73 21.85 -17.48 16.70
CA PRO D 73 22.14 -17.10 15.33
C PRO D 73 23.48 -17.63 14.95
N VAL D 74 23.59 -18.10 13.72
CA VAL D 74 24.87 -18.63 13.26
C VAL D 74 25.18 -17.90 11.99
N ARG D 75 26.39 -17.37 11.91
CA ARG D 75 26.96 -16.75 10.71
C ARG D 75 27.63 -17.76 9.78
N ILE D 76 27.20 -17.80 8.53
CA ILE D 76 27.75 -18.77 7.60
C ILE D 76 28.64 -18.08 6.54
N LYS D 77 28.21 -16.93 6.02
CA LYS D 77 28.96 -16.29 4.94
C LYS D 77 29.55 -14.89 5.16
N ALA D 78 28.84 -14.00 5.86
CA ALA D 78 29.29 -12.54 5.96
C ALA D 78 28.48 -11.68 4.99
N GLU D 79 28.17 -12.25 3.84
CA GLU D 79 27.26 -11.63 2.91
C GLU D 79 25.81 -11.85 3.37
N MET D 80 25.58 -12.80 4.26
CA MET D 80 24.21 -13.03 4.63
C MET D 80 23.92 -12.77 6.12
N ARG D 81 22.79 -12.15 6.42
CA ARG D 81 22.38 -11.91 7.83
C ARG D 81 22.31 -13.24 8.59
N PRO D 82 22.93 -13.35 9.77
CA PRO D 82 22.84 -14.64 10.48
C PRO D 82 21.39 -14.98 10.87
N GLY D 83 20.99 -16.23 10.73
CA GLY D 83 19.60 -16.60 11.04
C GLY D 83 19.64 -17.54 12.24
N PRO D 84 18.56 -17.56 13.04
CA PRO D 84 18.66 -18.33 14.29
C PRO D 84 18.37 -19.81 14.05
N LEU D 85 19.03 -20.68 14.79
CA LEU D 85 18.76 -22.09 14.77
C LEU D 85 18.21 -22.46 16.14
N ASP D 86 17.23 -23.36 16.20
CA ASP D 86 16.83 -23.92 17.48
C ASP D 86 18.12 -24.65 17.96
N ALA D 87 18.57 -24.44 19.18
CA ALA D 87 19.63 -25.30 19.77
C ALA D 87 20.88 -25.44 18.93
N VAL D 88 21.98 -24.95 19.46
CA VAL D 88 23.27 -25.11 18.84
C VAL D 88 24.24 -25.60 19.93
N LYS D 89 24.95 -26.67 19.62
CA LYS D 89 26.04 -27.11 20.46
C LYS D 89 27.34 -27.10 19.65
N MET D 90 28.39 -26.54 20.25
CA MET D 90 29.72 -26.57 19.68
C MET D 90 30.51 -27.90 19.93
N ILE D 91 31.00 -28.53 18.87
CA ILE D 91 32.14 -29.47 18.94
C ILE D 91 33.28 -28.76 18.19
N GLY D 92 34.49 -28.72 18.75
CA GLY D 92 35.61 -27.99 18.12
C GLY D 92 35.30 -26.50 17.94
N GLY D 93 35.65 -25.94 16.78
CA GLY D 93 35.26 -24.59 16.44
C GLY D 93 34.03 -24.64 15.58
N LYS D 94 33.21 -25.68 15.77
CA LYS D 94 32.15 -25.98 14.80
C LYS D 94 30.82 -26.16 15.49
N ALA D 95 29.73 -25.82 14.82
CA ALA D 95 28.41 -25.84 15.42
C ALA D 95 27.70 -27.12 15.01
N PHE D 96 27.01 -27.74 15.95
CA PHE D 96 26.09 -28.78 15.63
C PHE D 96 24.75 -28.15 15.86
N ALA D 97 23.92 -28.16 14.82
CA ALA D 97 22.65 -27.44 14.82
C ALA D 97 21.47 -28.37 14.85
N LEU D 98 20.49 -28.03 15.67
CA LEU D 98 19.26 -28.77 15.77
C LEU D 98 18.08 -27.88 15.37
N GLU D 99 17.22 -28.38 14.49
CA GLU D 99 15.99 -27.71 14.15
C GLU D 99 14.76 -28.58 14.37
N TRP D 100 13.74 -28.03 15.01
CA TRP D 100 12.43 -28.70 15.11
C TRP D 100 11.46 -27.96 14.21
N GLU D 101 10.96 -28.66 13.20
CA GLU D 101 10.19 -28.00 12.14
C GLU D 101 8.97 -27.25 12.64
N THR D 102 8.89 -25.97 12.30
CA THR D 102 7.68 -25.17 12.54
C THR D 102 7.23 -24.38 11.27
N GLY D 103 7.84 -24.67 10.11
CA GLY D 103 7.56 -23.91 8.84
C GLY D 103 6.85 -24.76 7.78
N ASN D 104 6.57 -24.16 6.63
CA ASN D 104 6.06 -24.89 5.49
C ASN D 104 7.05 -25.98 5.03
N ILE D 105 6.54 -27.05 4.44
CA ILE D 105 7.41 -28.04 3.75
C ILE D 105 8.48 -27.37 2.84
N SER D 106 8.16 -26.25 2.20
CA SER D 106 9.18 -25.58 1.34
C SER D 106 10.34 -25.00 2.16
N SER D 107 10.04 -24.60 3.37
CA SER D 107 11.03 -24.03 4.29
C SER D 107 11.99 -25.09 4.82
N SER D 108 11.48 -26.32 4.97
CA SER D 108 12.33 -27.50 5.15
C SER D 108 13.49 -27.65 4.13
N HIS D 109 13.16 -27.52 2.84
CA HIS D 109 14.20 -27.58 1.77
C HIS D 109 15.30 -26.54 2.01
N ARG D 110 14.90 -25.32 2.34
CA ARG D 110 15.81 -24.21 2.67
C ARG D 110 16.66 -24.59 3.88
N ALA D 111 16.04 -25.12 4.92
CA ALA D 111 16.75 -25.36 6.18
C ALA D 111 17.90 -26.36 6.00
N ILE D 112 17.63 -27.45 5.28
CA ILE D 112 18.68 -28.43 5.00
C ILE D 112 19.71 -27.83 4.07
N ASN D 113 19.28 -27.01 3.10
CA ASN D 113 20.20 -26.33 2.19
C ASN D 113 21.14 -25.45 3.01
N LYS D 114 20.59 -24.75 4.01
CA LYS D 114 21.42 -23.90 4.89
C LYS D 114 22.38 -24.67 5.79
N MET D 115 21.90 -25.78 6.38
CA MET D 115 22.79 -26.72 7.06
C MET D 115 23.95 -27.16 6.14
N VAL D 116 23.66 -27.47 4.87
CA VAL D 116 24.68 -27.92 3.94
C VAL D 116 25.66 -26.78 3.64
N MET D 117 25.12 -25.59 3.37
CA MET D 117 25.93 -24.40 3.26
C MET D 117 26.87 -24.26 4.48
N GLY D 118 26.32 -24.22 5.68
CA GLY D 118 27.14 -24.21 6.88
C GLY D 118 28.23 -25.29 6.96
N MET D 119 28.02 -26.46 6.34
CA MET D 119 29.04 -27.52 6.39
C MET D 119 30.12 -27.28 5.37
N LEU D 120 29.69 -26.80 4.22
CA LEU D 120 30.60 -26.42 3.16
C LEU D 120 31.53 -25.30 3.61
N GLU D 121 31.01 -24.35 4.40
CA GLU D 121 31.80 -23.19 4.79
C GLU D 121 32.60 -23.55 6.00
N ARG D 122 32.46 -24.77 6.46
CA ARG D 122 33.18 -25.21 7.64
C ARG D 122 32.79 -24.43 8.88
N VAL D 123 31.53 -23.99 8.98
CA VAL D 123 31.06 -23.42 10.26
C VAL D 123 30.14 -24.39 11.00
N ILE D 124 29.50 -25.29 10.27
CA ILE D 124 28.58 -26.24 10.89
C ILE D 124 29.23 -27.62 10.70
N ILE D 125 29.36 -28.41 11.77
CA ILE D 125 29.82 -29.79 11.62
C ILE D 125 28.68 -30.79 11.44
N GLY D 126 27.52 -30.49 12.01
CA GLY D 126 26.37 -31.34 11.85
C GLY D 126 25.07 -30.61 12.03
N GLY D 127 24.02 -31.25 11.55
CA GLY D 127 22.67 -30.68 11.60
C GLY D 127 21.65 -31.80 11.68
N VAL D 128 20.60 -31.58 12.47
CA VAL D 128 19.47 -32.49 12.55
C VAL D 128 18.14 -31.71 12.40
N LEU D 129 17.28 -32.21 11.53
CA LEU D 129 15.95 -31.65 11.38
C LEU D 129 14.94 -32.69 11.87
N ILE D 130 14.09 -32.25 12.81
CA ILE D 130 13.01 -33.07 13.34
C ILE D 130 11.74 -32.75 12.60
N LEU D 131 11.21 -33.74 11.90
CA LEU D 131 9.94 -33.58 11.18
C LEU D 131 8.84 -34.49 11.68
N PRO D 132 7.60 -34.01 11.67
CA PRO D 132 6.44 -34.91 11.85
C PRO D 132 6.28 -36.03 10.79
N SER D 133 5.87 -37.21 11.25
CA SER D 133 5.41 -38.24 10.31
C SER D 133 4.15 -37.70 9.63
N ARG D 134 3.69 -38.35 8.55
CA ARG D 134 2.47 -37.87 7.85
C ARG D 134 1.26 -38.02 8.76
N ASP D 135 1.24 -39.13 9.48
CA ASP D 135 0.17 -39.37 10.43
C ASP D 135 0.09 -38.25 11.45
N MET D 136 1.21 -37.78 12.01
CA MET D 136 1.15 -36.62 12.93
C MET D 136 0.86 -35.32 12.14
N TYR D 137 1.49 -35.18 10.99
CA TYR D 137 1.26 -34.10 10.09
C TYR D 137 -0.21 -33.78 9.88
N ASN D 138 -1.03 -34.79 9.68
CA ASN D 138 -2.44 -34.60 9.31
C ASN D 138 -3.24 -33.80 10.36
N TYR D 139 -2.75 -33.75 11.62
CA TYR D 139 -3.45 -33.07 12.71
C TYR D 139 -2.87 -31.71 13.01
N LEU D 140 -1.85 -31.30 12.26
CA LEU D 140 -1.13 -30.06 12.47
C LEU D 140 -1.50 -29.00 11.44
N THR D 141 -1.15 -27.75 11.73
CA THR D 141 -1.25 -26.67 10.74
C THR D 141 -0.88 -27.09 9.30
N ASP D 142 -1.76 -26.79 8.37
CA ASP D 142 -1.68 -27.18 6.99
C ASP D 142 -0.28 -26.87 6.40
N ARG D 143 0.38 -27.89 5.87
CA ARG D 143 1.60 -27.79 5.03
C ARG D 143 2.84 -27.60 5.85
N VAL D 144 2.79 -27.88 7.16
CA VAL D 144 4.01 -27.91 7.97
C VAL D 144 4.93 -28.97 7.37
N GLY D 145 6.24 -28.71 7.38
CA GLY D 145 7.23 -29.69 6.96
C GLY D 145 6.99 -31.03 7.63
N ASN D 146 7.11 -32.10 6.86
CA ASN D 146 6.81 -33.45 7.31
C ASN D 146 7.68 -34.45 6.54
N PHE D 147 7.97 -35.60 7.17
CA PHE D 147 8.97 -36.52 6.69
C PHE D 147 8.66 -37.02 5.27
N ARG D 148 7.45 -37.54 5.05
CA ARG D 148 7.22 -38.26 3.82
C ARG D 148 7.18 -37.31 2.63
N GLU D 149 6.79 -36.07 2.87
CA GLU D 149 6.70 -35.13 1.75
C GLU D 149 8.12 -34.70 1.36
N LEU D 150 9.06 -34.84 2.29
CA LEU D 150 10.48 -34.51 1.99
C LEU D 150 11.27 -35.67 1.39
N GLU D 151 10.81 -36.91 1.64
CA GLU D 151 11.47 -38.12 1.15
C GLU D 151 11.90 -38.14 -0.32
N PRO D 152 11.06 -37.64 -1.26
CA PRO D 152 11.48 -37.84 -2.66
C PRO D 152 12.77 -37.11 -3.00
N TYR D 153 13.20 -36.18 -2.13
CA TYR D 153 14.34 -35.30 -2.43
C TYR D 153 15.60 -35.71 -1.70
N PHE D 154 15.58 -36.83 -0.98
CA PHE D 154 16.70 -37.23 -0.11
C PHE D 154 18.01 -37.44 -0.91
N SER D 155 17.92 -37.86 -2.19
CA SER D 155 19.14 -37.99 -3.01
C SER D 155 19.88 -36.69 -3.19
N VAL D 156 19.16 -35.58 -3.15
CA VAL D 156 19.79 -34.31 -3.49
C VAL D 156 20.92 -34.06 -2.53
N TRP D 157 20.62 -34.23 -1.24
CA TRP D 157 21.55 -33.91 -0.15
C TRP D 157 22.60 -34.97 0.10
N ARG D 158 22.46 -36.12 -0.53
CA ARG D 158 23.52 -37.14 -0.50
C ARG D 158 24.59 -36.95 -1.57
N GLN D 159 24.42 -35.97 -2.46
CA GLN D 159 25.35 -35.77 -3.56
C GLN D 159 26.62 -35.02 -3.15
N PHE D 160 26.70 -34.54 -1.92
CA PHE D 160 27.82 -33.63 -1.58
C PHE D 160 29.15 -34.32 -1.19
N ASN D 161 30.24 -33.56 -1.33
CA ASN D 161 31.66 -33.99 -1.13
C ASN D 161 32.13 -33.89 0.34
N LEU D 162 31.21 -34.04 1.29
CA LEU D 162 31.46 -33.50 2.62
C LEU D 162 32.35 -34.35 3.55
N LYS D 163 33.59 -33.92 3.70
CA LYS D 163 34.52 -34.56 4.62
C LYS D 163 34.22 -34.04 6.02
N ASP D 164 34.05 -34.96 6.97
CA ASP D 164 33.71 -34.63 8.36
C ASP D 164 32.41 -33.83 8.47
N ALA D 165 31.29 -34.53 8.47
CA ALA D 165 29.97 -33.89 8.54
C ALA D 165 28.91 -34.92 8.86
N TYR D 166 27.79 -34.46 9.40
CA TYR D 166 26.71 -35.33 9.81
C TYR D 166 25.44 -34.56 9.56
N LEU D 167 24.48 -35.23 8.94
CA LEU D 167 23.21 -34.64 8.58
C LEU D 167 22.15 -35.69 8.70
N ALA D 168 21.15 -35.48 9.52
CA ALA D 168 20.10 -36.45 9.59
C ALA D 168 18.71 -35.80 9.75
N ILE D 169 17.71 -36.61 9.43
CA ILE D 169 16.32 -36.20 9.57
C ILE D 169 15.63 -37.20 10.50
N VAL D 170 15.05 -36.71 11.59
CA VAL D 170 14.32 -37.55 12.53
C VAL D 170 12.82 -37.41 12.27
N GLU D 171 12.14 -38.54 12.12
CA GLU D 171 10.71 -38.54 11.99
C GLU D 171 10.14 -38.76 13.38
N ILE D 172 9.21 -37.90 13.79
CA ILE D 172 8.52 -38.08 15.09
C ILE D 172 7.03 -38.33 14.85
N GLU D 173 6.40 -38.93 15.86
CA GLU D 173 4.95 -39.01 15.90
C GLU D 173 4.47 -38.86 17.35
N HIS D 174 3.23 -38.42 17.53
CA HIS D 174 2.54 -38.46 18.85
C HIS D 174 2.52 -39.89 19.37
N ASP D 175 2.38 -40.05 20.69
CA ASP D 175 2.24 -41.37 21.29
C ASP D 175 0.85 -42.00 21.10
N SER D 176 -0.20 -41.18 21.15
CA SER D 176 -1.55 -41.68 20.93
C SER D 176 -2.42 -40.46 20.66
N VAL D 177 -3.71 -40.68 20.52
CA VAL D 177 -4.65 -39.64 20.21
C VAL D 177 -5.85 -39.75 21.14
N ASP D 178 -6.50 -38.62 21.39
CA ASP D 178 -7.62 -38.62 22.26
C ASP D 178 -8.39 -37.36 21.97
N ALA D 179 -9.60 -37.55 21.43
CA ALA D 179 -10.56 -36.45 21.17
C ALA D 179 -10.86 -35.58 22.39
N GLN D 180 -10.51 -36.07 23.59
CA GLN D 180 -10.78 -35.37 24.84
C GLN D 180 -9.73 -34.35 25.23
N VAL D 181 -8.55 -34.36 24.63
CA VAL D 181 -7.50 -33.42 25.03
C VAL D 181 -7.58 -32.16 24.24
N SER D 182 -7.05 -31.10 24.84
CA SER D 182 -7.03 -29.78 24.24
C SER D 182 -6.13 -29.67 22.98
N LEU D 183 -6.61 -28.86 22.04
CA LEU D 183 -5.85 -28.49 20.85
C LEU D 183 -4.64 -27.62 21.21
N ILE D 184 -3.53 -27.87 20.51
CA ILE D 184 -2.38 -27.01 20.59
C ILE D 184 -2.77 -25.69 19.91
N PRO D 185 -2.63 -24.57 20.61
CA PRO D 185 -3.09 -23.25 20.09
C PRO D 185 -2.42 -22.84 18.77
N LYS D 186 -3.14 -22.09 17.93
CA LYS D 186 -2.52 -21.51 16.71
C LYS D 186 -2.35 -20.03 16.97
N GLY D 187 -1.34 -19.42 16.36
CA GLY D 187 -1.19 -17.98 16.42
C GLY D 187 -2.40 -17.18 15.91
N THR D 188 -3.28 -17.79 15.08
CA THR D 188 -4.52 -17.13 14.59
C THR D 188 -5.73 -17.14 15.53
N ASP D 189 -5.67 -17.96 16.60
CA ASP D 189 -6.77 -18.08 17.59
C ASP D 189 -7.25 -16.74 18.13
N GLY D 190 -8.58 -16.55 18.06
CA GLY D 190 -9.26 -15.33 18.55
C GLY D 190 -8.88 -14.03 17.86
N ARG D 191 -8.18 -14.09 16.73
CA ARG D 191 -7.75 -12.85 16.07
C ARG D 191 -8.87 -12.35 15.18
N ALA D 192 -9.17 -11.07 15.34
CA ALA D 192 -10.16 -10.38 14.53
C ALA D 192 -9.62 -10.23 13.11
N ILE D 193 -10.53 -10.03 12.17
CA ILE D 193 -10.15 -9.80 10.80
C ILE D 193 -9.55 -8.40 10.59
N ARG D 194 -8.37 -8.38 9.96
CA ARG D 194 -7.58 -7.16 9.72
C ARG D 194 -8.23 -6.23 8.70
#